data_7R8G
#
_entry.id   7R8G
#
_cell.length_a   200.598
_cell.length_b   200.598
_cell.length_c   200.598
_cell.angle_alpha   90.000
_cell.angle_beta   90.000
_cell.angle_gamma   90.000
#
_symmetry.space_group_name_H-M   'I 2 3'
#
loop_
_entity.id
_entity.type
_entity.pdbx_description
1 polymer Argonaute
2 polymer "DNA (5'-D(*TP*AP*CP*TP*GP*CP*AP*CP*AP*GP*GP*TP*GP*AP*CP*GP*A)-3')"
#
loop_
_entity_poly.entity_id
_entity_poly.type
_entity_poly.pdbx_seq_one_letter_code
_entity_poly.pdbx_strand_id
1 'polypeptide(L)'
;MTLETTLFPLEGLEGLTASYQLYAVKGLSGLDETEYHKNVNLLVRRLSFSMKAPFVALSRDGEQFIAVPNYVTEFPVDHR
VVRAMVKLVPTGEPLNLRFDAADDEYDGLRLRYLDFVLQQPLFANHHLWQPGSGQPFFHKKPLKRLDDVDLYDGVSVRAA
KHPEGGFGIVCDARSKFITHTPIGARADRKRLGKLINRSCLYKMGDHWYQFRIDAVSDWKVGEPSLFEGNVPISLAQQLV
RTAGNAAPKSIIDLDPEGGALEYFTSTNERRMAPAELCFLIEDTHGRRAAKLQRQTILSPSERRARVNGFIRRYLSELNI
GGAKLSAGARAHAFFTETHMPPALSFGNGTVLAPDTSKDRFQAMQEYSSMRRTMMLDKKVGFFHQDVFPPQTLLLPESVK
KSWGPAFASDFVGTVQELYPAGGYRPEIIEYRDKAYGGGVPGQMKALLEVAERGEIKSGDVLVMLHRINGAPRAQDKLAA
MVCNEFEKRFGKRVQVIHSDSPGRGYKRIFKNDKPTYVQQRGRGVNIKGYLKGAALNKVCLGNSRWPFVLRDPLNADVTI
GIDVKNNMAVFTMVAEGGRIVRVQRSRSRQREQLLESQVTQVITEMLSKELPEIKKQVQRVVIHRDGRAWPAEIAGARKT
FADMAESGLIAVDADVSVFEVLKSSPAPLRLFSFEEPTQENPKGVINPVLGSWLKLSENDGYICTTGAPLLLQGTADPLH
VRKAFGPMAIEDALKDVFDLSCLTWPKPDSCMRLPLTIKLCDIALFDDAAEYDVDVVRFADGNTGEASA
;
A
2 'polydeoxyribonucleotide' (DT)(DA)(DC)(DT)(DG)(DC)(DA)(DC)(DA)(DG)(DG)(DT)(DG)(DA)(DC)(DG)(DA) T
#
# COMPACT_ATOMS: atom_id res chain seq x y z
N MET A 1 -1.87 12.39 -25.31
CA MET A 1 -3.11 11.74 -25.71
C MET A 1 -2.89 10.29 -26.21
N THR A 2 -1.68 9.97 -26.66
CA THR A 2 -1.31 8.62 -27.10
C THR A 2 -0.60 7.91 -25.97
N LEU A 3 -1.12 6.75 -25.56
CA LEU A 3 -0.59 6.08 -24.38
C LEU A 3 -0.18 4.64 -24.68
N GLU A 4 0.89 4.18 -24.03
CA GLU A 4 1.36 2.81 -24.14
C GLU A 4 1.37 2.20 -22.75
N THR A 5 0.97 0.94 -22.65
CA THR A 5 0.96 0.23 -21.39
C THR A 5 2.18 -0.69 -21.26
N THR A 6 2.23 -1.41 -20.15
CA THR A 6 3.12 -2.54 -19.94
C THR A 6 2.32 -3.83 -19.94
N LEU A 7 1.32 -3.89 -20.83
CA LEU A 7 0.52 -5.09 -21.06
C LEU A 7 0.88 -5.66 -22.43
N PHE A 8 1.15 -6.96 -22.48
CA PHE A 8 1.72 -7.54 -23.69
C PHE A 8 0.89 -8.73 -24.17
N PRO A 9 0.65 -8.83 -25.47
CA PRO A 9 -0.19 -9.92 -25.98
C PRO A 9 0.51 -11.26 -25.80
N LEU A 10 -0.29 -12.30 -25.56
CA LEU A 10 0.19 -13.67 -25.49
C LEU A 10 -0.25 -14.43 -26.75
N GLU A 11 0.73 -14.82 -27.57
CA GLU A 11 0.47 -15.57 -28.80
C GLU A 11 0.63 -17.06 -28.54
N GLY A 12 -0.10 -17.86 -29.32
CA GLY A 12 -0.01 -19.29 -29.12
C GLY A 12 -0.76 -19.78 -27.92
N LEU A 13 -1.74 -19.01 -27.45
CA LEU A 13 -2.46 -19.38 -26.23
C LEU A 13 -3.37 -20.58 -26.46
N GLU A 14 -3.81 -20.80 -27.69
CA GLU A 14 -4.61 -21.98 -27.99
C GLU A 14 -3.78 -23.23 -27.77
N GLY A 15 -4.49 -24.35 -27.64
CA GLY A 15 -3.81 -25.60 -27.27
C GLY A 15 -3.48 -25.65 -25.81
N LEU A 16 -2.83 -24.60 -25.29
CA LEU A 16 -2.74 -24.43 -23.86
C LEU A 16 -4.13 -24.50 -23.24
N THR A 17 -4.30 -25.38 -22.28
CA THR A 17 -5.62 -25.60 -21.71
C THR A 17 -5.48 -25.91 -20.23
N ALA A 18 -6.53 -25.56 -19.49
CA ALA A 18 -6.55 -25.70 -18.05
C ALA A 18 -7.72 -26.59 -17.66
N SER A 19 -7.43 -27.65 -16.92
CA SER A 19 -8.42 -28.67 -16.56
C SER A 19 -8.56 -28.74 -15.03
N TYR A 20 -9.60 -28.11 -14.51
CA TYR A 20 -9.94 -28.20 -13.10
C TYR A 20 -11.12 -29.16 -12.89
N GLN A 21 -11.22 -29.66 -11.66
CA GLN A 21 -12.32 -30.52 -11.23
C GLN A 21 -12.93 -29.85 -10.00
N LEU A 22 -14.01 -29.10 -10.21
CA LEU A 22 -14.66 -28.44 -9.08
C LEU A 22 -14.97 -29.43 -7.98
N TYR A 23 -14.83 -28.97 -6.75
CA TYR A 23 -15.33 -29.69 -5.60
C TYR A 23 -16.33 -28.80 -4.87
N ALA A 24 -16.64 -29.14 -3.63
CA ALA A 24 -17.47 -28.31 -2.77
C ALA A 24 -17.20 -28.76 -1.36
N VAL A 25 -17.42 -27.86 -0.40
CA VAL A 25 -16.96 -28.07 0.95
C VAL A 25 -18.13 -28.25 1.89
N LYS A 26 -18.01 -29.22 2.80
CA LYS A 26 -19.04 -29.50 3.80
C LYS A 26 -18.70 -28.86 5.14
N GLY A 27 -17.59 -29.29 5.74
CA GLY A 27 -17.04 -28.60 6.89
C GLY A 27 -18.00 -28.35 8.04
N LEU A 28 -18.43 -27.11 8.20
CA LEU A 28 -19.34 -26.74 9.28
C LEU A 28 -20.40 -25.81 8.72
N SER A 29 -21.67 -26.19 8.93
CA SER A 29 -22.77 -25.28 8.59
C SER A 29 -22.67 -23.99 9.38
N GLY A 30 -21.99 -24.01 10.52
CA GLY A 30 -21.61 -22.81 11.23
C GLY A 30 -20.78 -21.91 10.33
N LEU A 31 -21.46 -21.23 9.42
CA LEU A 31 -20.85 -20.26 8.51
C LEU A 31 -20.79 -18.93 9.28
N ASP A 32 -19.78 -18.84 10.15
CA ASP A 32 -19.59 -17.64 10.96
C ASP A 32 -19.25 -16.41 10.13
N GLU A 33 -19.30 -16.52 8.79
CA GLU A 33 -19.15 -15.41 7.85
C GLU A 33 -17.70 -14.95 7.70
N THR A 34 -17.18 -14.19 8.67
CA THR A 34 -15.75 -13.89 8.62
C THR A 34 -14.91 -15.12 8.92
N GLU A 35 -15.47 -16.08 9.67
CA GLU A 35 -14.76 -17.30 10.01
C GLU A 35 -14.95 -18.42 9.00
N TYR A 36 -15.98 -18.36 8.16
CA TYR A 36 -16.15 -19.38 7.14
C TYR A 36 -15.19 -19.16 5.98
N HIS A 37 -15.20 -17.96 5.38
CA HIS A 37 -14.35 -17.65 4.24
C HIS A 37 -12.87 -17.55 4.63
N LYS A 38 -12.57 -17.24 5.89
CA LYS A 38 -11.18 -17.35 6.34
C LYS A 38 -10.69 -18.79 6.25
N ASN A 39 -11.55 -19.76 6.49
CA ASN A 39 -11.11 -21.15 6.38
C ASN A 39 -11.10 -21.63 4.94
N VAL A 40 -11.96 -21.06 4.08
CA VAL A 40 -11.89 -21.38 2.67
C VAL A 40 -10.49 -21.12 2.14
N ASN A 41 -9.95 -19.94 2.47
CA ASN A 41 -8.66 -19.53 1.95
C ASN A 41 -7.53 -20.34 2.56
N LEU A 42 -7.65 -20.68 3.84
CA LEU A 42 -6.58 -21.43 4.50
C LEU A 42 -6.35 -22.78 3.84
N LEU A 43 -7.43 -23.44 3.42
CA LEU A 43 -7.24 -24.76 2.81
C LEU A 43 -6.59 -24.65 1.44
N VAL A 44 -7.02 -23.67 0.64
CA VAL A 44 -6.42 -23.50 -0.68
C VAL A 44 -4.95 -23.11 -0.56
N ARG A 45 -4.58 -22.40 0.51
CA ARG A 45 -3.16 -22.16 0.76
C ARG A 45 -2.46 -23.46 1.15
N ARG A 46 -3.02 -24.16 2.13
CA ARG A 46 -2.45 -25.42 2.59
C ARG A 46 -2.28 -26.41 1.43
N LEU A 47 -3.26 -26.49 0.54
CA LEU A 47 -3.24 -27.48 -0.54
C LEU A 47 -2.28 -27.09 -1.67
N SER A 48 -2.21 -25.81 -1.98
CA SER A 48 -1.32 -25.35 -3.04
C SER A 48 0.15 -25.56 -2.69
N PHE A 49 0.53 -25.31 -1.44
CA PHE A 49 1.93 -25.46 -1.06
C PHE A 49 2.30 -26.93 -0.95
N SER A 50 1.40 -27.75 -0.40
CA SER A 50 1.69 -29.16 -0.13
C SER A 50 1.79 -29.95 -1.42
N MET A 51 0.83 -29.77 -2.33
CA MET A 51 0.78 -30.54 -3.57
C MET A 51 1.45 -29.80 -4.73
N LYS A 52 1.96 -28.59 -4.50
CA LYS A 52 2.61 -27.77 -5.51
C LYS A 52 1.84 -27.82 -6.83
N ALA A 53 0.64 -27.23 -6.81
CA ALA A 53 -0.26 -27.19 -7.96
C ALA A 53 -1.20 -26.00 -7.80
N PRO A 54 -1.79 -25.51 -8.90
CA PRO A 54 -2.62 -24.27 -8.87
C PRO A 54 -4.07 -24.47 -8.40
N PHE A 55 -4.25 -24.65 -7.09
CA PHE A 55 -5.58 -24.73 -6.51
C PHE A 55 -6.20 -23.35 -6.42
N VAL A 56 -7.43 -23.20 -6.93
CA VAL A 56 -8.17 -21.94 -6.90
C VAL A 56 -9.47 -22.16 -6.14
N ALA A 57 -10.02 -21.07 -5.61
CA ALA A 57 -11.35 -21.07 -5.03
C ALA A 57 -12.30 -20.32 -5.95
N LEU A 58 -13.52 -20.84 -6.09
CA LEU A 58 -14.56 -20.26 -6.93
C LEU A 58 -15.80 -20.09 -6.05
N SER A 59 -16.01 -18.90 -5.50
CA SER A 59 -17.09 -18.66 -4.56
C SER A 59 -18.27 -18.05 -5.32
N ARG A 60 -19.06 -18.93 -5.93
CA ARG A 60 -20.35 -18.58 -6.52
C ARG A 60 -21.44 -19.35 -5.78
N ASP A 61 -22.61 -18.72 -5.65
CA ASP A 61 -23.69 -19.24 -4.82
C ASP A 61 -23.27 -19.39 -3.36
N GLY A 62 -23.11 -20.64 -2.91
CA GLY A 62 -22.91 -20.91 -1.50
C GLY A 62 -21.55 -20.54 -0.98
N GLU A 63 -20.66 -20.06 -1.84
CA GLU A 63 -19.29 -19.60 -1.56
C GLU A 63 -18.31 -20.77 -1.38
N GLN A 64 -18.76 -22.01 -1.59
CA GLN A 64 -17.90 -23.18 -1.46
C GLN A 64 -17.04 -23.32 -2.71
N PHE A 65 -16.88 -24.56 -3.19
CA PHE A 65 -16.26 -24.89 -4.46
C PHE A 65 -14.75 -24.61 -4.49
N ILE A 66 -13.95 -25.65 -4.25
CA ILE A 66 -12.49 -25.62 -4.45
C ILE A 66 -12.18 -26.28 -5.79
N ALA A 67 -11.42 -25.59 -6.62
CA ALA A 67 -11.03 -26.12 -7.92
C ALA A 67 -9.74 -26.91 -7.76
N VAL A 68 -9.80 -28.21 -8.02
CA VAL A 68 -8.60 -29.04 -7.96
C VAL A 68 -8.14 -29.31 -9.39
N PRO A 69 -6.84 -29.22 -9.67
CA PRO A 69 -6.36 -29.58 -11.00
C PRO A 69 -6.53 -31.07 -11.28
N ASN A 70 -6.70 -31.41 -12.55
CA ASN A 70 -6.99 -32.78 -12.93
C ASN A 70 -5.74 -33.63 -13.12
N TYR A 71 -4.56 -33.06 -13.01
CA TYR A 71 -3.37 -33.90 -13.15
C TYR A 71 -2.88 -34.44 -11.82
N VAL A 72 -3.28 -33.83 -10.70
CA VAL A 72 -3.01 -34.45 -9.42
C VAL A 72 -3.92 -35.67 -9.26
N THR A 73 -3.45 -36.64 -8.49
CA THR A 73 -4.06 -37.96 -8.48
C THR A 73 -4.65 -38.31 -7.11
N GLU A 74 -3.78 -38.64 -6.14
CA GLU A 74 -4.23 -39.11 -4.82
C GLU A 74 -4.69 -37.92 -3.99
N PHE A 75 -5.94 -37.53 -4.23
CA PHE A 75 -6.51 -36.36 -3.60
C PHE A 75 -7.17 -36.76 -2.29
N PRO A 76 -6.68 -36.29 -1.13
CA PRO A 76 -7.22 -36.77 0.16
C PRO A 76 -8.71 -36.52 0.40
N VAL A 77 -9.26 -35.41 -0.07
CA VAL A 77 -10.71 -35.14 -0.06
C VAL A 77 -11.25 -34.84 1.35
N ASP A 78 -10.55 -35.27 2.40
CA ASP A 78 -10.84 -34.84 3.77
C ASP A 78 -9.62 -34.13 4.34
N HIS A 79 -9.84 -33.13 5.19
CA HIS A 79 -8.72 -32.33 5.67
C HIS A 79 -8.96 -31.80 7.09
N ARG A 80 -7.98 -32.06 7.96
CA ARG A 80 -8.09 -31.80 9.40
C ARG A 80 -7.92 -30.34 9.77
N VAL A 81 -7.22 -30.11 10.90
CA VAL A 81 -7.03 -28.83 11.59
C VAL A 81 -8.28 -27.95 11.44
N VAL A 82 -8.07 -26.67 11.12
CA VAL A 82 -9.10 -25.71 10.72
C VAL A 82 -10.29 -25.68 11.68
N ARG A 83 -10.04 -26.01 12.95
CA ARG A 83 -11.08 -26.22 13.96
C ARG A 83 -11.88 -27.48 13.63
N ALA A 84 -13.00 -27.33 12.93
CA ALA A 84 -13.90 -28.45 12.65
C ALA A 84 -13.32 -29.35 11.56
N MET A 85 -14.10 -30.31 11.08
CA MET A 85 -13.66 -31.28 10.09
C MET A 85 -14.28 -30.96 8.74
N VAL A 86 -13.58 -31.35 7.67
CA VAL A 86 -13.89 -30.88 6.33
C VAL A 86 -13.90 -32.06 5.37
N LYS A 87 -14.80 -31.96 4.37
CA LYS A 87 -14.90 -32.95 3.31
C LYS A 87 -15.20 -32.22 2.00
N LEU A 88 -14.57 -32.67 0.93
CA LEU A 88 -14.78 -32.08 -0.39
C LEU A 88 -15.44 -33.10 -1.30
N VAL A 89 -16.73 -32.92 -1.55
CA VAL A 89 -17.40 -33.73 -2.56
C VAL A 89 -17.14 -33.07 -3.91
N PRO A 90 -16.80 -33.83 -4.95
CA PRO A 90 -16.72 -33.25 -6.30
C PRO A 90 -18.08 -32.71 -6.74
N THR A 91 -18.07 -31.73 -7.63
CA THR A 91 -19.27 -31.38 -8.39
C THR A 91 -19.18 -31.91 -9.83
N GLY A 92 -18.58 -33.09 -9.97
CA GLY A 92 -18.54 -33.87 -11.20
C GLY A 92 -18.05 -33.12 -12.41
N GLU A 93 -18.13 -33.76 -13.58
CA GLU A 93 -17.99 -33.12 -14.89
C GLU A 93 -16.73 -32.28 -15.00
N PRO A 94 -15.67 -32.79 -15.64
CA PRO A 94 -14.36 -32.14 -15.54
C PRO A 94 -14.24 -30.94 -16.47
N LEU A 95 -13.81 -29.81 -15.90
CA LEU A 95 -13.65 -28.57 -16.64
C LEU A 95 -12.41 -28.61 -17.52
N ASN A 96 -12.42 -27.78 -18.56
CA ASN A 96 -11.35 -27.75 -19.55
C ASN A 96 -11.29 -26.33 -20.13
N LEU A 97 -10.92 -25.36 -19.28
CA LEU A 97 -11.06 -23.97 -19.67
C LEU A 97 -10.20 -23.64 -20.89
N ARG A 98 -10.54 -22.52 -21.53
CA ARG A 98 -9.93 -22.16 -22.79
C ARG A 98 -9.68 -20.66 -22.83
N PHE A 99 -8.68 -20.26 -23.60
CA PHE A 99 -8.20 -18.88 -23.61
C PHE A 99 -8.66 -18.13 -24.85
N ASP A 100 -9.46 -18.76 -25.70
CA ASP A 100 -10.05 -18.11 -26.86
C ASP A 100 -11.51 -17.73 -26.65
N ALA A 101 -12.19 -18.34 -25.68
CA ALA A 101 -13.61 -18.11 -25.43
C ALA A 101 -13.86 -16.71 -24.86
N ALA A 102 -15.01 -16.52 -24.23
CA ALA A 102 -15.45 -15.20 -23.76
C ALA A 102 -15.63 -15.23 -22.25
N ASP A 103 -15.90 -14.06 -21.69
CA ASP A 103 -15.86 -13.84 -20.25
C ASP A 103 -16.76 -14.84 -19.49
N ASP A 104 -16.15 -15.63 -18.59
CA ASP A 104 -16.86 -16.53 -17.70
C ASP A 104 -16.86 -15.96 -16.27
N GLU A 105 -17.13 -16.83 -15.30
CA GLU A 105 -16.60 -16.69 -13.96
C GLU A 105 -15.54 -17.75 -13.69
N TYR A 106 -15.28 -18.61 -14.68
CA TYR A 106 -14.14 -19.51 -14.72
C TYR A 106 -12.89 -18.82 -15.23
N ASP A 107 -12.91 -17.50 -15.37
CA ASP A 107 -11.73 -16.81 -15.86
C ASP A 107 -10.79 -16.42 -14.73
N GLY A 108 -11.23 -16.47 -13.47
CA GLY A 108 -10.27 -16.51 -12.39
C GLY A 108 -9.49 -17.81 -12.36
N LEU A 109 -10.01 -18.85 -12.99
CA LEU A 109 -9.34 -20.15 -13.02
C LEU A 109 -8.28 -20.17 -14.10
N ARG A 110 -8.63 -19.70 -15.30
CA ARG A 110 -7.64 -19.59 -16.35
C ARG A 110 -6.48 -18.71 -15.89
N LEU A 111 -6.80 -17.61 -15.20
CA LEU A 111 -5.75 -16.66 -14.79
C LEU A 111 -4.82 -17.29 -13.77
N ARG A 112 -5.35 -18.08 -12.84
CA ARG A 112 -4.48 -18.76 -11.91
C ARG A 112 -3.54 -19.72 -12.64
N TYR A 113 -4.10 -20.61 -13.45
CA TYR A 113 -3.31 -21.57 -14.21
C TYR A 113 -2.28 -20.88 -15.09
N LEU A 114 -2.71 -19.84 -15.80
CA LEU A 114 -1.81 -19.13 -16.69
C LEU A 114 -0.61 -18.55 -15.94
N ASP A 115 -0.84 -17.95 -14.77
CA ASP A 115 0.25 -17.46 -13.94
C ASP A 115 1.08 -18.60 -13.41
N PHE A 116 0.51 -19.79 -13.29
CA PHE A 116 1.25 -20.86 -12.64
C PHE A 116 2.26 -21.48 -13.59
N VAL A 117 1.86 -21.66 -14.85
CA VAL A 117 2.71 -22.32 -15.82
C VAL A 117 3.62 -21.36 -16.56
N LEU A 118 3.31 -20.07 -16.57
CA LEU A 118 4.22 -19.11 -17.18
C LEU A 118 5.51 -18.98 -16.39
N GLN A 119 5.49 -19.22 -15.08
CA GLN A 119 6.72 -19.14 -14.31
C GLN A 119 7.45 -20.48 -14.25
N GLN A 120 7.23 -21.34 -15.24
CA GLN A 120 7.99 -22.58 -15.35
C GLN A 120 9.21 -22.39 -16.25
N PRO A 121 9.07 -21.81 -17.45
CA PRO A 121 10.29 -21.56 -18.24
C PRO A 121 11.22 -20.60 -17.54
N LEU A 122 10.71 -19.50 -16.99
CA LEU A 122 11.55 -18.54 -16.30
C LEU A 122 12.26 -19.17 -15.11
N PHE A 123 11.55 -19.98 -14.33
CA PHE A 123 12.17 -20.62 -13.18
C PHE A 123 13.33 -21.54 -13.58
N ALA A 124 13.29 -22.13 -14.78
CA ALA A 124 14.36 -23.03 -15.19
C ALA A 124 15.38 -22.34 -16.09
N ASN A 125 15.43 -21.02 -16.09
CA ASN A 125 16.44 -20.28 -16.83
C ASN A 125 17.63 -20.04 -15.92
N HIS A 126 18.80 -20.49 -16.36
CA HIS A 126 19.99 -20.50 -15.52
C HIS A 126 20.44 -19.11 -15.11
N HIS A 127 20.03 -18.07 -15.84
CA HIS A 127 20.49 -16.72 -15.55
C HIS A 127 19.51 -15.89 -14.74
N LEU A 128 18.38 -16.46 -14.32
CA LEU A 128 17.36 -15.76 -13.55
C LEU A 128 17.19 -16.42 -12.19
N TRP A 129 16.69 -15.66 -11.23
CA TRP A 129 16.25 -16.25 -9.98
C TRP A 129 15.04 -15.49 -9.47
N GLN A 130 14.41 -16.06 -8.48
CA GLN A 130 13.15 -15.57 -7.97
C GLN A 130 13.20 -15.73 -6.46
N PRO A 131 13.07 -14.65 -5.69
CA PRO A 131 13.22 -14.77 -4.22
C PRO A 131 12.27 -15.79 -3.63
N GLY A 132 11.05 -15.84 -4.13
CA GLY A 132 10.00 -16.72 -3.63
C GLY A 132 8.90 -16.70 -4.65
N SER A 133 7.96 -17.64 -4.51
CA SER A 133 6.95 -17.79 -5.55
C SER A 133 6.04 -16.57 -5.58
N GLY A 134 5.66 -16.18 -6.79
CA GLY A 134 4.89 -14.96 -7.02
C GLY A 134 5.71 -13.71 -7.14
N GLN A 135 6.96 -13.72 -6.69
CA GLN A 135 7.78 -12.53 -6.71
C GLN A 135 8.37 -12.35 -8.10
N PRO A 136 9.03 -11.22 -8.37
CA PRO A 136 9.61 -11.01 -9.71
C PRO A 136 10.81 -11.92 -9.95
N PHE A 137 11.29 -11.87 -11.19
CA PHE A 137 12.42 -12.65 -11.64
C PHE A 137 13.61 -11.74 -11.85
N PHE A 138 14.70 -11.98 -11.12
CA PHE A 138 15.86 -11.12 -11.15
C PHE A 138 17.01 -11.77 -11.93
N HIS A 139 17.82 -10.94 -12.57
CA HIS A 139 19.06 -11.41 -13.17
C HIS A 139 20.03 -11.85 -12.09
N LYS A 140 20.68 -12.99 -12.29
CA LYS A 140 21.69 -13.39 -11.32
C LYS A 140 22.86 -12.43 -11.31
N LYS A 141 23.08 -11.72 -12.39
CA LYS A 141 24.18 -10.78 -12.44
C LYS A 141 23.70 -9.41 -11.98
N PRO A 142 24.27 -8.84 -10.92
CA PRO A 142 23.87 -7.50 -10.49
C PRO A 142 23.95 -6.47 -11.61
N LEU A 143 23.04 -5.51 -11.56
CA LEU A 143 23.10 -4.42 -12.51
C LEU A 143 24.19 -3.41 -12.17
N LYS A 144 24.51 -3.28 -10.89
CA LYS A 144 25.38 -2.19 -10.45
C LYS A 144 26.03 -2.65 -9.16
N ARG A 145 27.27 -2.24 -8.96
CA ARG A 145 28.05 -2.79 -7.86
C ARG A 145 27.91 -1.97 -6.58
N LEU A 146 27.89 -0.65 -6.67
CA LEU A 146 27.39 0.20 -5.57
C LEU A 146 28.06 -0.03 -4.23
N ASP A 147 29.26 -0.63 -4.19
CA ASP A 147 30.08 -0.55 -2.99
C ASP A 147 29.44 -1.33 -1.85
N ASP A 148 30.02 -2.49 -1.51
CA ASP A 148 29.60 -3.35 -0.40
C ASP A 148 28.15 -3.86 -0.49
N VAL A 149 27.33 -3.32 -1.37
CA VAL A 149 25.97 -3.81 -1.59
C VAL A 149 25.74 -3.88 -3.11
N ASP A 150 25.07 -4.92 -3.59
CA ASP A 150 24.78 -5.04 -5.02
C ASP A 150 23.34 -4.68 -5.32
N LEU A 151 23.12 -3.99 -6.44
CA LEU A 151 21.78 -3.66 -6.93
C LEU A 151 21.41 -4.67 -8.01
N TYR A 152 20.42 -5.51 -7.73
CA TYR A 152 19.84 -6.46 -8.66
C TYR A 152 18.58 -5.89 -9.30
N ASP A 153 18.40 -6.12 -10.61
CA ASP A 153 17.24 -5.64 -11.34
C ASP A 153 16.37 -6.81 -11.77
N GLY A 154 15.05 -6.65 -11.65
CA GLY A 154 14.12 -7.73 -11.95
C GLY A 154 12.85 -7.21 -12.58
N VAL A 155 12.04 -8.14 -13.08
CA VAL A 155 10.80 -7.79 -13.79
C VAL A 155 9.70 -8.74 -13.33
N SER A 156 8.57 -8.17 -12.89
CA SER A 156 7.45 -8.96 -12.41
C SER A 156 6.53 -9.28 -13.57
N VAL A 157 5.92 -10.45 -13.52
CA VAL A 157 5.11 -10.92 -14.63
C VAL A 157 3.79 -11.45 -14.11
N ARG A 158 2.69 -10.91 -14.63
CA ARG A 158 1.36 -11.24 -14.12
C ARG A 158 0.37 -11.38 -15.28
N ALA A 159 -0.36 -12.48 -15.29
CA ALA A 159 -1.41 -12.70 -16.28
C ALA A 159 -2.58 -11.74 -16.08
N ALA A 160 -3.10 -11.21 -17.17
CA ALA A 160 -4.26 -10.32 -17.08
C ALA A 160 -5.16 -10.54 -18.28
N LYS A 161 -6.41 -10.10 -18.15
CA LYS A 161 -7.31 -10.07 -19.30
C LYS A 161 -6.91 -8.92 -20.21
N HIS A 162 -6.90 -9.19 -21.52
CA HIS A 162 -6.56 -8.16 -22.49
C HIS A 162 -7.82 -7.39 -22.90
N PRO A 163 -7.79 -6.05 -22.89
CA PRO A 163 -9.03 -5.30 -23.15
C PRO A 163 -9.54 -5.46 -24.58
N GLU A 164 -8.67 -5.50 -25.58
CA GLU A 164 -9.04 -5.88 -26.93
C GLU A 164 -9.31 -7.38 -27.07
N GLY A 165 -9.65 -8.08 -25.99
CA GLY A 165 -9.97 -9.51 -26.07
C GLY A 165 -8.79 -10.45 -25.84
N GLY A 166 -9.03 -11.55 -25.10
CA GLY A 166 -8.02 -12.57 -24.92
C GLY A 166 -7.19 -12.37 -23.68
N PHE A 167 -5.98 -12.95 -23.67
CA PHE A 167 -5.10 -12.86 -22.51
C PHE A 167 -3.75 -12.28 -22.86
N GLY A 168 -3.22 -11.51 -21.92
CA GLY A 168 -1.90 -10.94 -22.02
C GLY A 168 -1.09 -10.97 -20.74
N ILE A 169 -0.16 -10.03 -20.61
CA ILE A 169 0.86 -10.07 -19.57
C ILE A 169 1.19 -8.65 -19.11
N VAL A 170 1.01 -8.33 -17.81
CA VAL A 170 1.41 -7.02 -17.28
C VAL A 170 2.72 -7.16 -16.51
N CYS A 171 3.61 -6.18 -16.68
CA CYS A 171 4.99 -6.29 -16.20
C CYS A 171 5.48 -4.97 -15.64
N ASP A 172 6.43 -5.07 -14.73
CA ASP A 172 7.04 -3.88 -14.17
C ASP A 172 8.43 -4.21 -13.65
N ALA A 173 9.34 -3.26 -13.88
CA ALA A 173 10.71 -3.34 -13.36
C ALA A 173 10.73 -3.25 -11.84
N ARG A 174 11.63 -4.01 -11.21
CA ARG A 174 11.83 -3.99 -9.77
C ARG A 174 13.33 -3.98 -9.46
N SER A 175 13.65 -3.59 -8.24
CA SER A 175 15.02 -3.49 -7.76
C SER A 175 15.13 -4.17 -6.41
N LYS A 176 16.34 -4.56 -6.06
CA LYS A 176 16.61 -5.27 -4.82
C LYS A 176 18.06 -5.03 -4.46
N PHE A 177 18.31 -4.87 -3.16
CA PHE A 177 19.65 -4.58 -2.67
C PHE A 177 20.12 -5.75 -1.83
N ILE A 178 21.28 -6.29 -2.16
CA ILE A 178 21.83 -7.44 -1.47
C ILE A 178 23.28 -7.17 -1.16
N THR A 179 23.72 -7.56 0.03
CA THR A 179 25.10 -7.27 0.40
C THR A 179 26.03 -8.12 -0.45
N HIS A 180 27.18 -7.56 -0.81
CA HIS A 180 28.02 -8.16 -1.84
C HIS A 180 28.66 -9.47 -1.39
N THR A 181 29.13 -9.52 -0.17
CA THR A 181 29.87 -10.66 0.34
C THR A 181 29.01 -11.45 1.34
N PRO A 182 29.20 -12.76 1.46
CA PRO A 182 28.26 -13.55 2.26
C PRO A 182 28.48 -13.34 3.74
N ILE A 183 27.54 -13.88 4.52
CA ILE A 183 27.64 -13.85 5.97
C ILE A 183 28.95 -14.49 6.42
N GLY A 184 29.25 -15.65 5.87
CA GLY A 184 30.57 -16.22 6.03
C GLY A 184 30.57 -17.46 6.91
N ALA A 185 31.52 -18.35 6.65
CA ALA A 185 31.70 -19.49 7.54
C ALA A 185 32.40 -19.07 8.81
N ARG A 186 33.14 -17.96 8.76
CA ARG A 186 33.87 -17.38 9.88
C ARG A 186 33.02 -16.43 10.70
N ALA A 187 31.75 -16.73 10.92
CA ALA A 187 30.89 -15.88 11.73
C ALA A 187 30.40 -16.71 12.89
N ASP A 188 30.56 -16.19 14.10
CA ASP A 188 30.37 -17.01 15.30
C ASP A 188 28.89 -17.13 15.68
N ARG A 189 28.65 -17.96 16.69
CA ARG A 189 27.29 -18.22 17.16
C ARG A 189 26.61 -16.96 17.64
N LYS A 190 27.37 -15.98 18.12
CA LYS A 190 26.74 -14.77 18.65
C LYS A 190 26.38 -13.80 17.52
N ARG A 191 27.21 -13.69 16.49
CA ARG A 191 26.89 -12.76 15.40
C ARG A 191 25.74 -13.30 14.56
N LEU A 192 25.69 -14.62 14.37
CA LEU A 192 24.53 -15.24 13.72
C LEU A 192 23.26 -15.09 14.56
N GLY A 193 23.39 -14.94 15.88
CA GLY A 193 22.22 -14.59 16.68
C GLY A 193 21.64 -13.26 16.29
N LYS A 194 22.49 -12.22 16.24
CA LYS A 194 22.05 -10.86 15.92
C LYS A 194 21.27 -10.75 14.62
N LEU A 195 21.19 -11.83 13.82
CA LEU A 195 20.67 -11.75 12.45
C LEU A 195 19.31 -12.44 12.28
N ILE A 196 18.70 -12.94 13.36
CA ILE A 196 17.41 -13.58 13.24
C ILE A 196 16.35 -12.56 12.82
N ASN A 197 15.41 -13.00 11.99
CA ASN A 197 14.34 -12.33 11.26
C ASN A 197 14.84 -11.42 10.13
N ARG A 198 16.14 -11.20 9.97
CA ARG A 198 16.64 -10.65 8.73
C ARG A 198 16.35 -11.63 7.59
N SER A 199 16.53 -11.17 6.36
CA SER A 199 16.34 -12.02 5.19
C SER A 199 17.65 -12.15 4.40
N CYS A 200 17.80 -13.27 3.70
CA CYS A 200 19.03 -13.44 2.91
C CYS A 200 18.74 -14.23 1.64
N LEU A 201 19.57 -13.98 0.63
CA LEU A 201 19.58 -14.77 -0.59
C LEU A 201 20.53 -15.97 -0.39
N TYR A 202 20.02 -17.17 -0.64
CA TYR A 202 20.78 -18.42 -0.52
C TYR A 202 21.19 -18.88 -1.92
N LYS A 203 22.49 -18.83 -2.22
CA LYS A 203 23.00 -19.37 -3.49
C LYS A 203 23.27 -20.87 -3.34
N MET A 204 22.18 -21.65 -3.32
CA MET A 204 22.32 -23.10 -3.19
C MET A 204 22.79 -23.64 -4.54
N GLY A 205 24.07 -23.47 -4.81
CA GLY A 205 24.56 -23.82 -6.14
C GLY A 205 23.86 -22.99 -7.19
N ASP A 206 23.22 -23.68 -8.13
CA ASP A 206 22.56 -22.97 -9.22
C ASP A 206 21.19 -22.47 -8.83
N HIS A 207 20.63 -22.97 -7.72
CA HIS A 207 19.27 -22.63 -7.29
C HIS A 207 19.36 -21.50 -6.28
N TRP A 208 18.95 -20.30 -6.70
CA TRP A 208 18.94 -19.14 -5.83
C TRP A 208 17.51 -18.87 -5.36
N TYR A 209 17.36 -18.60 -4.06
CA TYR A 209 16.07 -18.11 -3.55
C TYR A 209 16.32 -17.31 -2.27
N GLN A 210 15.24 -16.80 -1.68
CA GLN A 210 15.30 -15.96 -0.50
C GLN A 210 14.59 -16.63 0.66
N PHE A 211 15.10 -16.43 1.88
CA PHE A 211 14.38 -16.89 3.06
C PHE A 211 14.61 -15.94 4.21
N ARG A 212 13.85 -16.16 5.29
CA ARG A 212 13.94 -15.38 6.52
C ARG A 212 14.62 -16.21 7.59
N ILE A 213 15.63 -15.63 8.24
CA ILE A 213 16.38 -16.36 9.25
C ILE A 213 15.52 -16.53 10.50
N ASP A 214 15.31 -17.78 10.90
CA ASP A 214 14.51 -18.08 12.08
C ASP A 214 15.33 -18.48 13.30
N ALA A 215 16.58 -18.91 13.12
CA ALA A 215 17.34 -19.56 14.19
C ALA A 215 18.77 -19.82 13.73
N VAL A 216 19.71 -19.89 14.66
CA VAL A 216 21.08 -20.34 14.37
C VAL A 216 21.18 -21.81 14.73
N SER A 217 21.61 -22.64 13.78
CA SER A 217 21.64 -24.08 14.04
C SER A 217 22.66 -24.41 15.11
N ASP A 218 22.39 -25.49 15.84
CA ASP A 218 23.36 -25.92 16.86
C ASP A 218 24.58 -26.58 16.25
N TRP A 219 24.48 -27.01 14.99
CA TRP A 219 25.50 -27.83 14.37
C TRP A 219 26.20 -27.06 13.26
N LYS A 220 27.52 -27.23 13.18
CA LYS A 220 28.27 -26.69 12.07
C LYS A 220 28.01 -27.53 10.82
N VAL A 221 28.41 -26.96 9.67
CA VAL A 221 28.04 -27.52 8.37
C VAL A 221 28.58 -28.93 8.18
N GLY A 222 29.75 -29.22 8.76
CA GLY A 222 30.34 -30.53 8.66
C GLY A 222 30.01 -31.53 9.77
N GLU A 223 29.28 -31.07 10.93
CA GLU A 223 28.89 -32.02 11.98
C GLU A 223 27.55 -32.66 11.65
N PRO A 224 27.33 -33.88 12.11
CA PRO A 224 26.06 -34.56 11.78
C PRO A 224 24.87 -33.86 12.43
N SER A 225 24.03 -33.25 11.59
CA SER A 225 22.91 -32.43 12.04
C SER A 225 21.55 -32.92 11.53
N LEU A 226 21.52 -33.72 10.48
CA LEU A 226 20.30 -34.38 10.02
C LEU A 226 20.67 -35.81 9.69
N PHE A 227 19.70 -36.55 9.16
CA PHE A 227 20.02 -37.92 8.76
C PHE A 227 19.10 -38.32 7.62
N GLU A 228 19.68 -38.91 6.59
CA GLU A 228 18.93 -39.56 5.53
C GLU A 228 18.95 -41.05 5.86
N GLY A 229 17.82 -41.55 6.37
CA GLY A 229 17.74 -42.94 6.82
C GLY A 229 18.73 -43.25 7.93
N ASN A 230 18.31 -43.04 9.17
CA ASN A 230 19.12 -43.37 10.35
C ASN A 230 20.49 -42.69 10.33
N VAL A 231 21.34 -43.09 9.38
CA VAL A 231 22.70 -42.59 9.23
C VAL A 231 22.77 -41.08 9.43
N PRO A 232 23.33 -40.61 10.54
CA PRO A 232 23.45 -39.16 10.74
C PRO A 232 24.36 -38.55 9.69
N ILE A 233 23.84 -37.52 9.00
CA ILE A 233 24.47 -36.91 7.84
C ILE A 233 24.77 -35.45 8.18
N SER A 234 25.88 -34.93 7.68
CA SER A 234 26.09 -33.50 7.90
C SER A 234 25.41 -32.70 6.79
N LEU A 235 25.20 -31.42 7.06
CA LEU A 235 24.64 -30.56 6.02
C LEU A 235 25.51 -30.57 4.78
N ALA A 236 26.83 -30.63 4.96
CA ALA A 236 27.74 -30.70 3.81
C ALA A 236 27.50 -31.98 3.01
N GLN A 237 27.33 -33.11 3.68
CA GLN A 237 26.99 -34.33 2.98
C GLN A 237 25.62 -34.23 2.31
N GLN A 238 24.69 -33.49 2.90
CA GLN A 238 23.37 -33.39 2.29
C GLN A 238 23.43 -32.63 0.97
N LEU A 239 24.20 -31.54 0.92
CA LEU A 239 24.25 -30.70 -0.30
C LEU A 239 25.00 -31.41 -1.43
N VAL A 240 26.12 -32.07 -1.11
CA VAL A 240 26.76 -32.94 -2.09
C VAL A 240 25.78 -34.00 -2.60
N ARG A 241 24.91 -34.54 -1.73
CA ARG A 241 23.97 -35.56 -2.17
C ARG A 241 23.07 -35.05 -3.29
N THR A 242 22.55 -33.85 -3.15
CA THR A 242 21.55 -33.36 -4.08
C THR A 242 22.12 -32.40 -5.11
N ALA A 243 23.44 -32.18 -5.10
CA ALA A 243 24.06 -31.55 -6.24
C ALA A 243 23.94 -32.48 -7.44
N GLY A 244 23.89 -31.90 -8.62
CA GLY A 244 23.84 -32.66 -9.85
C GLY A 244 24.99 -32.33 -10.78
N ASN A 245 25.63 -33.35 -11.32
CA ASN A 245 26.42 -33.20 -12.53
C ASN A 245 27.66 -32.33 -12.40
N ALA A 246 27.65 -31.17 -13.04
CA ALA A 246 28.79 -30.27 -12.96
C ALA A 246 28.54 -29.23 -11.88
N ALA A 247 28.30 -29.75 -10.68
CA ALA A 247 27.98 -28.91 -9.53
C ALA A 247 29.06 -27.85 -9.38
N PRO A 248 28.69 -26.62 -9.02
CA PRO A 248 29.71 -25.59 -8.81
C PRO A 248 30.49 -25.91 -7.55
N LYS A 249 31.70 -25.36 -7.49
CA LYS A 249 32.59 -25.66 -6.40
C LYS A 249 32.02 -25.22 -5.06
N SER A 250 31.28 -24.11 -5.05
CA SER A 250 30.86 -23.49 -3.79
C SER A 250 29.99 -24.42 -2.97
N ILE A 251 29.24 -25.31 -3.61
CA ILE A 251 28.29 -26.15 -2.90
C ILE A 251 28.80 -27.56 -2.64
N ILE A 252 30.02 -27.89 -3.08
CA ILE A 252 30.60 -29.18 -2.77
C ILE A 252 31.92 -29.06 -2.04
N ASP A 253 32.33 -27.85 -1.69
CA ASP A 253 33.57 -27.60 -0.98
C ASP A 253 33.31 -26.56 0.11
N LEU A 254 32.36 -26.85 1.01
CA LEU A 254 32.03 -25.94 2.11
C LEU A 254 33.05 -26.08 3.23
N ASP A 255 33.27 -24.99 3.94
CA ASP A 255 34.01 -25.04 5.20
C ASP A 255 33.22 -25.85 6.21
N PRO A 256 33.80 -26.92 6.79
CA PRO A 256 33.02 -27.76 7.73
C PRO A 256 32.82 -27.13 9.08
N GLU A 257 33.60 -26.11 9.43
CA GLU A 257 33.45 -25.40 10.70
C GLU A 257 32.48 -24.24 10.64
N GLY A 258 31.98 -23.87 9.45
CA GLY A 258 31.09 -22.74 9.33
C GLY A 258 29.72 -23.05 9.88
N GLY A 259 29.00 -21.98 10.23
CA GLY A 259 27.68 -22.13 10.80
C GLY A 259 26.59 -22.30 9.75
N ALA A 260 25.43 -22.72 10.23
CA ALA A 260 24.24 -22.82 9.39
C ALA A 260 23.10 -22.01 10.02
N LEU A 261 22.24 -21.47 9.17
CA LEU A 261 21.02 -20.82 9.58
C LEU A 261 19.85 -21.77 9.45
N GLU A 262 18.72 -21.37 10.02
CA GLU A 262 17.52 -22.19 9.96
C GLU A 262 16.36 -21.31 9.54
N TYR A 263 15.31 -21.95 9.01
CA TYR A 263 14.22 -21.24 8.36
C TYR A 263 13.10 -22.25 8.10
N PHE A 264 11.89 -21.73 7.90
CA PHE A 264 10.71 -22.57 7.71
C PHE A 264 10.33 -22.63 6.23
N THR A 265 9.86 -23.79 5.80
CA THR A 265 9.33 -23.95 4.45
C THR A 265 7.93 -23.37 4.34
N SER A 266 7.52 -23.08 3.11
CA SER A 266 6.15 -22.70 2.75
C SER A 266 5.14 -23.64 3.41
N THR A 267 5.48 -24.92 3.46
CA THR A 267 4.69 -25.92 4.14
C THR A 267 5.15 -26.16 5.58
N ASN A 268 6.00 -25.29 6.12
CA ASN A 268 6.40 -25.26 7.53
C ASN A 268 7.23 -26.41 8.10
N GLU A 269 8.23 -26.94 7.39
CA GLU A 269 9.26 -27.77 8.02
C GLU A 269 10.52 -26.94 8.27
N ARG A 270 11.44 -27.52 9.03
CA ARG A 270 12.72 -26.88 9.30
C ARG A 270 13.75 -27.28 8.27
N ARG A 271 14.56 -26.30 7.85
CA ARG A 271 15.66 -26.53 6.93
C ARG A 271 16.84 -25.65 7.33
N MET A 272 18.04 -26.13 7.06
CA MET A 272 19.28 -25.41 7.31
C MET A 272 19.87 -24.93 5.99
N ALA A 273 20.83 -24.00 6.10
CA ALA A 273 21.61 -23.56 4.96
C ALA A 273 22.92 -23.02 5.50
N PRO A 274 24.05 -23.27 4.84
CA PRO A 274 25.34 -22.76 5.35
C PRO A 274 25.44 -21.25 5.22
N ALA A 275 25.88 -20.61 6.29
CA ALA A 275 26.10 -19.16 6.24
C ALA A 275 27.06 -18.76 5.13
N GLU A 276 27.88 -19.69 4.65
CA GLU A 276 28.87 -19.39 3.63
C GLU A 276 28.24 -19.02 2.30
N LEU A 277 27.00 -19.44 2.07
CA LEU A 277 26.28 -19.21 0.83
C LEU A 277 25.08 -18.26 0.99
N CYS A 278 25.07 -17.41 2.03
CA CYS A 278 23.91 -16.57 2.34
C CYS A 278 24.30 -15.09 2.37
N PHE A 279 23.52 -14.29 1.66
CA PHE A 279 23.83 -12.88 1.43
C PHE A 279 22.66 -12.05 1.98
N LEU A 280 22.93 -11.29 3.05
CA LEU A 280 21.88 -10.52 3.72
C LEU A 280 21.19 -9.58 2.75
N ILE A 281 19.86 -9.61 2.79
CA ILE A 281 19.09 -8.63 2.03
C ILE A 281 19.16 -7.31 2.77
N GLU A 282 19.70 -6.28 2.11
CA GLU A 282 19.87 -4.97 2.74
C GLU A 282 18.51 -4.27 2.82
N ASP A 283 17.85 -4.36 3.97
CA ASP A 283 16.49 -3.80 4.12
C ASP A 283 16.58 -2.27 4.10
N THR A 284 16.65 -1.74 2.87
CA THR A 284 16.80 -0.32 2.56
C THR A 284 15.54 0.50 2.90
N HIS A 285 14.46 -0.15 3.33
CA HIS A 285 13.34 0.50 3.97
C HIS A 285 13.38 0.37 5.48
N GLY A 286 14.40 -0.30 6.01
CA GLY A 286 14.64 -0.38 7.45
C GLY A 286 15.67 0.65 7.91
N ARG A 287 16.82 0.68 7.24
CA ARG A 287 17.87 1.65 7.49
C ARG A 287 17.86 2.67 6.36
N ARG A 288 17.94 3.95 6.72
CA ARG A 288 17.84 5.03 5.74
C ARG A 288 19.02 5.01 4.78
N ALA A 289 18.75 4.66 3.52
CA ALA A 289 19.76 4.48 2.48
C ALA A 289 19.47 5.47 1.36
N ALA A 290 19.59 6.76 1.66
CA ALA A 290 19.16 7.80 0.75
C ALA A 290 19.86 7.69 -0.59
N LYS A 291 21.20 7.63 -0.57
CA LYS A 291 21.94 7.50 -1.81
C LYS A 291 21.55 6.23 -2.56
N LEU A 292 21.23 5.17 -1.81
CA LEU A 292 20.88 3.91 -2.45
C LEU A 292 19.50 3.98 -3.06
N GLN A 293 18.55 4.56 -2.33
CA GLN A 293 17.18 4.58 -2.82
C GLN A 293 17.06 5.35 -4.11
N ARG A 294 17.90 6.36 -4.32
CA ARG A 294 17.80 7.13 -5.54
C ARG A 294 17.91 6.24 -6.77
N GLN A 295 18.73 5.19 -6.68
CA GLN A 295 19.02 4.23 -7.75
C GLN A 295 17.84 3.36 -8.13
N THR A 296 16.80 3.33 -7.29
CA THR A 296 15.63 2.50 -7.49
C THR A 296 14.45 3.25 -8.11
N ILE A 297 14.58 4.57 -8.27
CA ILE A 297 13.58 5.44 -8.87
C ILE A 297 13.99 5.65 -10.33
N LEU A 298 13.23 5.06 -11.26
CA LEU A 298 13.61 5.04 -12.66
C LEU A 298 12.90 6.12 -13.45
N SER A 299 13.59 6.73 -14.42
CA SER A 299 12.91 7.61 -15.34
C SER A 299 12.04 6.79 -16.29
N PRO A 300 11.03 7.41 -16.91
CA PRO A 300 10.14 6.63 -17.77
C PRO A 300 10.84 5.86 -18.87
N SER A 301 11.85 6.45 -19.51
CA SER A 301 12.55 5.72 -20.57
C SER A 301 13.41 4.59 -20.02
N GLU A 302 14.07 4.79 -18.88
CA GLU A 302 14.74 3.68 -18.20
C GLU A 302 13.75 2.55 -17.91
N ARG A 303 12.56 2.91 -17.44
CA ARG A 303 11.64 1.89 -16.96
C ARG A 303 11.07 1.11 -18.13
N ARG A 304 10.70 1.80 -19.21
CA ARG A 304 10.22 1.10 -20.39
C ARG A 304 11.33 0.24 -21.00
N ALA A 305 12.56 0.73 -21.00
CA ALA A 305 13.62 -0.03 -21.66
C ALA A 305 13.87 -1.35 -20.94
N ARG A 306 13.87 -1.33 -19.61
CA ARG A 306 14.14 -2.56 -18.88
C ARG A 306 12.97 -3.54 -18.94
N VAL A 307 11.73 -3.04 -18.98
CA VAL A 307 10.64 -3.99 -19.08
C VAL A 307 10.62 -4.65 -20.44
N ASN A 308 10.79 -3.86 -21.51
CA ASN A 308 10.78 -4.44 -22.86
C ASN A 308 11.99 -5.33 -23.09
N GLY A 309 13.18 -4.88 -22.70
CA GLY A 309 14.36 -5.72 -22.69
C GLY A 309 14.05 -7.12 -22.18
N PHE A 310 13.46 -7.22 -21.00
CA PHE A 310 13.22 -8.51 -20.39
C PHE A 310 12.18 -9.32 -21.18
N ILE A 311 11.23 -8.64 -21.83
CA ILE A 311 10.20 -9.35 -22.59
C ILE A 311 10.82 -9.95 -23.84
N ARG A 312 11.61 -9.15 -24.55
CA ARG A 312 12.26 -9.61 -25.76
C ARG A 312 13.28 -10.70 -25.44
N ARG A 313 13.97 -10.58 -24.30
CA ARG A 313 15.07 -11.47 -23.96
C ARG A 313 14.61 -12.82 -23.43
N TYR A 314 13.56 -12.86 -22.60
CA TYR A 314 13.21 -14.09 -21.90
C TYR A 314 11.82 -14.62 -22.19
N LEU A 315 11.05 -13.94 -23.04
CA LEU A 315 9.64 -14.30 -23.19
C LEU A 315 9.20 -14.52 -24.63
N SER A 316 10.08 -14.33 -25.61
CA SER A 316 9.68 -14.56 -27.01
C SER A 316 9.41 -16.03 -27.31
N GLU A 317 9.93 -16.97 -26.50
CA GLU A 317 9.68 -18.39 -26.69
C GLU A 317 9.46 -19.06 -25.33
N LEU A 318 8.37 -19.82 -25.18
CA LEU A 318 8.00 -20.40 -23.90
C LEU A 318 7.45 -21.80 -24.09
N ASN A 319 8.11 -22.80 -23.55
CA ASN A 319 7.72 -24.19 -23.75
C ASN A 319 7.05 -24.73 -22.50
N ILE A 320 5.73 -24.72 -22.50
CA ILE A 320 4.95 -25.26 -21.40
C ILE A 320 4.46 -26.63 -21.88
N GLY A 321 5.26 -27.66 -21.60
CA GLY A 321 5.05 -28.96 -22.19
C GLY A 321 4.90 -28.82 -23.69
N GLY A 322 3.78 -29.29 -24.22
CA GLY A 322 3.48 -29.10 -25.63
C GLY A 322 3.59 -27.65 -26.06
N ALA A 323 2.79 -26.78 -25.44
CA ALA A 323 2.56 -25.45 -25.98
C ALA A 323 3.86 -24.66 -26.16
N LYS A 324 3.84 -23.77 -27.14
CA LYS A 324 4.94 -22.84 -27.41
C LYS A 324 4.37 -21.42 -27.40
N LEU A 325 4.50 -20.72 -26.27
CA LEU A 325 3.93 -19.38 -26.10
C LEU A 325 4.96 -18.31 -26.45
N SER A 326 4.44 -17.15 -26.87
CA SER A 326 5.25 -15.95 -27.09
C SER A 326 4.56 -14.73 -26.49
N ALA A 327 5.36 -13.81 -25.98
CA ALA A 327 4.85 -12.50 -25.59
C ALA A 327 5.22 -11.53 -26.71
N GLY A 328 4.20 -10.85 -27.24
CA GLY A 328 4.46 -9.91 -28.32
C GLY A 328 5.41 -8.81 -27.89
N ALA A 329 6.21 -8.33 -28.84
CA ALA A 329 7.22 -7.33 -28.50
C ALA A 329 6.61 -5.96 -28.28
N ARG A 330 5.45 -5.67 -28.86
CA ARG A 330 4.84 -4.36 -28.76
C ARG A 330 3.70 -4.42 -27.76
N ALA A 331 3.79 -3.59 -26.73
CA ALA A 331 2.74 -3.62 -25.72
C ALA A 331 1.50 -2.90 -26.23
N HIS A 332 0.38 -3.21 -25.58
CA HIS A 332 -0.91 -2.61 -25.93
C HIS A 332 -0.86 -1.10 -25.79
N ALA A 333 -1.29 -0.39 -26.83
CA ALA A 333 -1.26 1.06 -26.85
C ALA A 333 -2.64 1.56 -27.25
N PHE A 334 -2.91 2.84 -27.04
CA PHE A 334 -4.27 3.32 -27.29
C PHE A 334 -4.33 4.83 -27.30
N PHE A 335 -5.40 5.35 -27.90
CA PHE A 335 -5.78 6.75 -27.87
C PHE A 335 -6.83 6.92 -26.77
N THR A 336 -6.66 7.92 -25.91
CA THR A 336 -7.73 8.24 -24.98
C THR A 336 -7.81 9.74 -24.77
N GLU A 337 -9.01 10.16 -24.35
CA GLU A 337 -9.19 11.48 -23.77
C GLU A 337 -8.87 11.39 -22.28
N THR A 338 -8.05 12.32 -21.83
CA THR A 338 -7.61 12.40 -20.47
C THR A 338 -8.59 13.22 -19.67
N HIS A 339 -8.89 12.78 -18.44
CA HIS A 339 -9.72 13.59 -17.56
C HIS A 339 -9.07 14.94 -17.24
N MET A 340 -9.84 16.02 -17.40
CA MET A 340 -9.42 17.31 -16.89
C MET A 340 -9.64 17.37 -15.39
N PRO A 341 -8.87 18.18 -14.65
CA PRO A 341 -9.13 18.33 -13.23
C PRO A 341 -10.43 19.10 -13.01
N PRO A 342 -11.08 18.90 -11.86
CA PRO A 342 -12.39 19.51 -11.64
C PRO A 342 -12.32 20.97 -11.21
N ALA A 343 -13.34 21.72 -11.61
CA ALA A 343 -13.54 23.06 -11.06
C ALA A 343 -13.64 22.99 -9.54
N LEU A 344 -13.02 23.95 -8.86
CA LEU A 344 -12.96 23.96 -7.40
C LEU A 344 -13.49 25.29 -6.87
N SER A 345 -13.96 25.27 -5.63
CA SER A 345 -14.53 26.44 -5.00
C SER A 345 -13.69 26.87 -3.81
N PHE A 346 -13.27 28.14 -3.79
CA PHE A 346 -12.51 28.74 -2.68
C PHE A 346 -13.38 29.74 -1.95
N GLY A 347 -12.75 30.60 -1.15
CA GLY A 347 -13.49 31.63 -0.45
C GLY A 347 -14.02 32.71 -1.37
N ASN A 348 -15.03 33.44 -0.86
CA ASN A 348 -15.55 34.65 -1.51
C ASN A 348 -16.15 34.34 -2.88
N GLY A 349 -16.91 33.24 -2.95
CA GLY A 349 -17.46 32.77 -4.21
C GLY A 349 -16.49 32.63 -5.36
N THR A 350 -15.19 32.46 -5.11
CA THR A 350 -14.21 32.33 -6.18
C THR A 350 -14.10 30.87 -6.64
N VAL A 351 -14.02 30.68 -7.96
CA VAL A 351 -13.93 29.34 -8.53
C VAL A 351 -12.62 29.26 -9.31
N LEU A 352 -12.01 28.06 -9.31
CA LEU A 352 -10.78 27.79 -10.05
C LEU A 352 -11.05 26.65 -11.02
N ALA A 353 -10.77 26.90 -12.29
CA ALA A 353 -11.13 25.92 -13.29
C ALA A 353 -9.97 25.81 -14.26
N PRO A 354 -9.69 24.61 -14.73
CA PRO A 354 -8.57 24.45 -15.68
C PRO A 354 -8.90 25.15 -16.99
N ASP A 355 -7.97 25.99 -17.44
CA ASP A 355 -8.11 26.68 -18.71
C ASP A 355 -8.13 25.65 -19.84
N THR A 356 -9.20 25.64 -20.63
CA THR A 356 -9.30 24.71 -21.75
C THR A 356 -8.58 25.17 -23.00
N SER A 357 -8.14 26.43 -23.06
CA SER A 357 -7.52 26.97 -24.27
C SER A 357 -6.01 26.77 -24.30
N LYS A 358 -5.32 26.89 -23.16
CA LYS A 358 -3.92 26.50 -23.07
C LYS A 358 -3.76 25.02 -23.43
N ASP A 359 -2.53 24.65 -23.81
CA ASP A 359 -2.25 23.23 -23.91
C ASP A 359 -2.31 22.59 -22.52
N ARG A 360 -2.68 21.31 -22.49
CA ARG A 360 -2.92 20.60 -21.25
C ARG A 360 -1.83 20.85 -20.21
N PHE A 361 -0.56 20.66 -20.60
CA PHE A 361 0.54 20.72 -19.63
C PHE A 361 0.61 22.07 -18.94
N GLN A 362 0.55 23.14 -19.73
CA GLN A 362 0.60 24.47 -19.12
C GLN A 362 -0.64 24.70 -18.26
N ALA A 363 -1.79 24.21 -18.70
CA ALA A 363 -3.01 24.41 -17.95
C ALA A 363 -2.94 23.72 -16.60
N MET A 364 -2.42 22.48 -16.57
CA MET A 364 -2.33 21.75 -15.31
C MET A 364 -1.40 22.43 -14.31
N GLN A 365 -0.25 22.93 -14.78
CA GLN A 365 0.69 23.55 -13.86
C GLN A 365 0.11 24.85 -13.29
N GLU A 366 -0.56 25.66 -14.12
CA GLU A 366 -1.16 26.89 -13.61
C GLU A 366 -2.22 26.58 -12.56
N TYR A 367 -3.06 25.59 -12.84
CA TYR A 367 -4.13 25.22 -11.92
C TYR A 367 -3.58 24.75 -10.58
N SER A 368 -2.55 23.90 -10.60
CA SER A 368 -2.02 23.34 -9.36
C SER A 368 -1.36 24.42 -8.49
N SER A 369 -0.64 25.36 -9.10
CA SER A 369 -0.12 26.49 -8.33
C SER A 369 -1.25 27.34 -7.80
N MET A 370 -2.24 27.61 -8.66
CA MET A 370 -3.39 28.42 -8.24
C MET A 370 -4.06 27.85 -7.00
N ARG A 371 -4.07 26.52 -6.85
CA ARG A 371 -4.61 25.95 -5.61
C ARG A 371 -3.92 26.52 -4.38
N ARG A 372 -2.61 26.76 -4.44
CA ARG A 372 -1.94 27.32 -3.26
C ARG A 372 -2.14 28.83 -3.14
N THR A 373 -1.88 29.58 -4.20
CA THR A 373 -1.95 31.03 -4.04
C THR A 373 -3.38 31.53 -3.85
N MET A 374 -4.40 30.87 -4.42
CA MET A 374 -5.77 31.24 -4.08
C MET A 374 -6.03 31.02 -2.60
N MET A 375 -5.57 29.91 -2.04
CA MET A 375 -5.73 29.65 -0.62
C MET A 375 -5.05 30.72 0.23
N LEU A 376 -3.92 31.26 -0.22
CA LEU A 376 -3.17 32.21 0.58
C LEU A 376 -3.69 33.64 0.45
N ASP A 377 -4.34 33.97 -0.65
CA ASP A 377 -4.75 35.33 -0.97
C ASP A 377 -5.88 35.76 -0.05
N LYS A 378 -5.69 36.86 0.70
CA LYS A 378 -6.68 37.26 1.69
C LYS A 378 -8.01 37.61 1.05
N LYS A 379 -8.03 37.96 -0.23
CA LYS A 379 -9.29 38.29 -0.86
C LYS A 379 -9.99 37.10 -1.48
N VAL A 380 -9.38 35.90 -1.47
CA VAL A 380 -10.15 34.70 -1.80
C VAL A 380 -10.09 33.78 -0.58
N GLY A 381 -8.97 33.11 -0.37
CA GLY A 381 -8.81 32.40 0.88
C GLY A 381 -9.55 31.07 0.94
N PHE A 382 -9.59 30.55 2.17
CA PHE A 382 -10.23 29.27 2.42
C PHE A 382 -11.70 29.31 2.05
N PHE A 383 -12.21 28.19 1.53
CA PHE A 383 -13.63 28.08 1.30
C PHE A 383 -14.43 28.18 2.60
N HIS A 384 -13.89 27.68 3.70
CA HIS A 384 -14.61 27.68 4.98
C HIS A 384 -13.85 28.57 5.96
N GLN A 385 -14.39 29.77 6.19
CA GLN A 385 -13.75 30.79 7.02
C GLN A 385 -14.63 31.15 8.19
N ASP A 386 -14.22 30.74 9.39
CA ASP A 386 -14.89 31.10 10.64
C ASP A 386 -13.82 31.29 11.71
N VAL A 387 -14.26 31.60 12.94
CA VAL A 387 -13.34 31.71 14.05
C VAL A 387 -13.17 30.32 14.65
N PHE A 388 -11.99 30.04 15.20
CA PHE A 388 -11.72 28.72 15.77
C PHE A 388 -12.42 28.60 17.12
N PRO A 389 -12.84 27.41 17.51
CA PRO A 389 -13.19 27.19 18.91
C PRO A 389 -11.93 27.23 19.74
N PRO A 390 -12.03 27.25 21.07
CA PRO A 390 -10.82 27.28 21.90
C PRO A 390 -9.85 26.18 21.52
N GLN A 391 -8.55 26.53 21.49
CA GLN A 391 -7.46 25.64 21.12
C GLN A 391 -6.45 25.53 22.27
N THR A 392 -5.87 24.35 22.45
CA THR A 392 -4.77 24.19 23.40
C THR A 392 -3.49 23.75 22.69
N LEU A 393 -2.35 24.26 23.15
CA LEU A 393 -1.04 23.76 22.74
C LEU A 393 -0.33 23.21 23.96
N LEU A 394 0.00 21.93 23.92
CA LEU A 394 0.54 21.18 25.04
C LEU A 394 1.99 20.83 24.76
N LEU A 395 2.91 21.34 25.59
CA LEU A 395 4.34 21.23 25.30
C LEU A 395 5.06 20.46 26.40
N PRO A 396 6.10 19.71 26.05
CA PRO A 396 6.96 19.13 27.08
C PRO A 396 7.55 20.23 27.95
N GLU A 397 7.55 20.02 29.27
CA GLU A 397 8.16 20.98 30.19
C GLU A 397 9.56 21.39 29.74
N SER A 398 10.36 20.45 29.25
CA SER A 398 11.72 20.78 28.86
C SER A 398 11.78 21.69 27.64
N VAL A 399 10.74 21.68 26.82
CA VAL A 399 10.71 22.53 25.64
C VAL A 399 10.21 23.90 26.03
N LYS A 400 9.22 23.95 26.91
CA LYS A 400 8.71 25.23 27.37
C LYS A 400 9.76 26.02 28.13
N LYS A 401 10.69 25.34 28.82
CA LYS A 401 11.76 26.07 29.50
C LYS A 401 12.91 26.41 28.57
N SER A 402 12.78 26.22 27.26
CA SER A 402 13.87 26.51 26.35
C SER A 402 13.34 27.21 25.10
N TRP A 403 13.32 26.52 23.95
CA TRP A 403 12.91 27.14 22.69
C TRP A 403 11.41 27.15 22.49
N GLY A 404 10.66 26.60 23.43
CA GLY A 404 9.22 26.50 23.34
C GLY A 404 8.52 27.80 23.01
N PRO A 405 8.71 28.83 23.82
CA PRO A 405 7.93 30.05 23.62
C PRO A 405 8.24 30.73 22.32
N ALA A 406 9.49 30.71 21.86
CA ALA A 406 9.79 31.28 20.57
C ALA A 406 9.11 30.50 19.45
N PHE A 407 9.07 29.18 19.58
CA PHE A 407 8.35 28.36 18.62
C PHE A 407 6.86 28.70 18.62
N ALA A 408 6.25 28.80 19.80
CA ALA A 408 4.82 29.07 19.87
C ALA A 408 4.48 30.41 19.24
N SER A 409 5.28 31.43 19.54
CA SER A 409 5.03 32.74 18.96
C SER A 409 5.10 32.68 17.45
N ASP A 410 6.13 32.03 16.89
CA ASP A 410 6.21 31.93 15.44
C ASP A 410 5.06 31.12 14.87
N PHE A 411 4.62 30.08 15.60
CA PHE A 411 3.61 29.18 15.07
C PHE A 411 2.26 29.86 14.99
N VAL A 412 1.85 30.54 16.07
CA VAL A 412 0.63 31.33 16.08
C VAL A 412 0.61 32.34 14.95
N GLY A 413 1.67 33.13 14.82
CA GLY A 413 1.72 34.11 13.76
C GLY A 413 1.65 33.49 12.38
N THR A 414 2.11 32.24 12.26
CA THR A 414 2.01 31.57 10.97
C THR A 414 0.57 31.16 10.70
N VAL A 415 -0.09 30.59 11.72
CA VAL A 415 -1.50 30.26 11.60
C VAL A 415 -2.31 31.49 11.24
N GLN A 416 -2.11 32.58 11.98
CA GLN A 416 -2.87 33.80 11.72
C GLN A 416 -2.66 34.31 10.30
N GLU A 417 -1.47 34.14 9.75
CA GLU A 417 -1.28 34.59 8.38
C GLU A 417 -1.91 33.64 7.35
N LEU A 418 -1.90 32.33 7.61
CA LEU A 418 -2.49 31.35 6.71
C LEU A 418 -4.01 31.40 6.72
N TYR A 419 -4.58 31.55 7.90
CA TYR A 419 -6.02 31.43 8.12
C TYR A 419 -6.48 32.62 8.94
N PRO A 420 -6.53 33.82 8.34
CA PRO A 420 -6.76 35.05 9.13
C PRO A 420 -8.12 35.09 9.82
N ALA A 421 -9.12 34.36 9.33
CA ALA A 421 -10.44 34.39 9.93
C ALA A 421 -10.50 33.66 11.26
N GLY A 422 -9.44 32.98 11.67
CA GLY A 422 -9.57 32.04 12.76
C GLY A 422 -9.31 32.66 14.10
N GLY A 423 -8.54 33.75 14.15
CA GLY A 423 -8.10 34.32 15.39
C GLY A 423 -7.45 33.34 16.36
N TYR A 424 -6.48 32.55 15.88
CA TYR A 424 -5.90 31.46 16.66
C TYR A 424 -5.22 32.02 17.91
N ARG A 425 -5.54 31.44 19.08
CA ARG A 425 -5.08 31.97 20.36
C ARG A 425 -5.04 30.85 21.38
N PRO A 426 -4.11 29.93 21.25
CA PRO A 426 -4.14 28.74 22.12
C PRO A 426 -3.60 29.03 23.51
N GLU A 427 -4.07 28.23 24.46
CA GLU A 427 -3.52 28.24 25.81
C GLU A 427 -2.35 27.25 25.85
N ILE A 428 -1.20 27.72 26.31
CA ILE A 428 0.01 26.92 26.32
C ILE A 428 0.14 26.22 27.66
N ILE A 429 0.14 24.88 27.63
CA ILE A 429 0.17 24.03 28.82
C ILE A 429 1.42 23.17 28.70
N GLU A 430 1.87 22.62 29.83
CA GLU A 430 3.03 21.73 29.81
C GLU A 430 2.73 20.44 30.57
N TYR A 431 3.52 19.41 30.24
CA TYR A 431 3.48 18.14 30.96
C TYR A 431 4.89 17.75 31.31
N ARG A 432 5.03 17.01 32.41
CA ARG A 432 6.35 16.79 33.00
C ARG A 432 7.01 15.62 32.28
N ASP A 433 7.62 15.93 31.13
CA ASP A 433 8.23 14.93 30.25
C ASP A 433 9.56 14.38 30.77
N LYS A 434 10.09 14.89 31.88
CA LYS A 434 11.33 14.32 32.41
C LYS A 434 11.10 13.64 33.76
N ALA A 435 9.85 13.53 34.19
CA ALA A 435 9.53 13.06 35.53
C ALA A 435 9.36 11.54 35.64
N TYR A 436 9.12 10.81 34.54
CA TYR A 436 8.72 9.40 34.70
C TYR A 436 9.33 8.40 33.73
N GLY A 437 10.01 8.78 32.67
CA GLY A 437 10.56 7.65 31.96
C GLY A 437 10.97 7.82 30.52
N GLY A 438 10.38 8.73 29.79
CA GLY A 438 10.86 8.93 28.45
C GLY A 438 10.56 7.81 27.48
N GLY A 439 10.16 6.63 27.96
CA GLY A 439 9.56 5.64 27.09
C GLY A 439 8.06 5.86 26.97
N VAL A 440 7.42 5.03 26.15
CA VAL A 440 5.97 5.14 25.98
C VAL A 440 5.22 5.14 27.31
N PRO A 441 5.49 4.24 28.26
CA PRO A 441 4.96 4.46 29.60
C PRO A 441 5.87 5.42 30.33
N GLY A 442 5.28 6.43 30.96
CA GLY A 442 6.10 7.50 31.50
C GLY A 442 5.78 8.80 30.80
N GLN A 443 6.03 8.88 29.49
CA GLN A 443 5.41 9.95 28.71
C GLN A 443 3.90 9.91 28.88
N MET A 444 3.30 8.71 28.77
CA MET A 444 1.85 8.60 28.94
C MET A 444 1.42 9.03 30.33
N LYS A 445 2.16 8.62 31.35
CA LYS A 445 1.76 8.98 32.71
C LYS A 445 1.78 10.49 32.91
N ALA A 446 2.74 11.17 32.30
CA ALA A 446 2.83 12.63 32.42
C ALA A 446 1.70 13.31 31.65
N LEU A 447 1.38 12.80 30.45
CA LEU A 447 0.29 13.36 29.65
C LEU A 447 -1.06 13.14 30.31
N LEU A 448 -1.34 11.91 30.76
CA LEU A 448 -2.62 11.62 31.39
C LEU A 448 -2.86 12.53 32.60
N GLU A 449 -1.88 12.63 33.48
CA GLU A 449 -2.09 13.34 34.73
C GLU A 449 -2.38 14.82 34.48
N VAL A 450 -1.87 15.38 33.38
CA VAL A 450 -2.22 16.76 33.02
C VAL A 450 -3.66 16.83 32.56
N ALA A 451 -4.15 15.78 31.89
CA ALA A 451 -5.53 15.79 31.43
C ALA A 451 -6.50 15.59 32.59
N GLU A 452 -6.17 14.65 33.49
CA GLU A 452 -7.03 14.41 34.65
C GLU A 452 -7.16 15.65 35.51
N ARG A 453 -6.10 16.45 35.61
CA ARG A 453 -6.21 17.70 36.36
C ARG A 453 -7.17 18.68 35.71
N GLY A 454 -7.69 18.38 34.52
CA GLY A 454 -8.55 19.33 33.83
C GLY A 454 -7.82 20.51 33.25
N GLU A 455 -6.50 20.41 33.10
CA GLU A 455 -5.77 21.55 32.55
C GLU A 455 -6.00 21.72 31.06
N ILE A 456 -6.66 20.75 30.40
CA ILE A 456 -6.99 20.90 29.01
C ILE A 456 -8.45 21.32 28.88
N LYS A 457 -8.71 22.61 29.07
CA LYS A 457 -9.98 23.14 28.62
C LYS A 457 -9.99 23.05 27.10
N SER A 458 -11.17 23.26 26.51
CA SER A 458 -11.32 23.16 25.06
C SER A 458 -11.28 21.71 24.58
N GLY A 459 -11.95 21.39 23.50
CA GLY A 459 -11.99 20.02 23.03
C GLY A 459 -10.92 19.65 22.05
N ASP A 460 -10.19 20.64 21.53
CA ASP A 460 -9.16 20.47 20.53
C ASP A 460 -7.77 20.67 21.15
N VAL A 461 -6.87 19.70 20.99
CA VAL A 461 -5.53 19.78 21.56
C VAL A 461 -4.52 19.47 20.49
N LEU A 462 -3.50 20.30 20.40
CA LEU A 462 -2.31 20.03 19.61
C LEU A 462 -1.21 19.70 20.61
N VAL A 463 -0.76 18.45 20.64
CA VAL A 463 0.21 18.03 21.65
C VAL A 463 1.53 17.69 20.96
N MET A 464 2.63 18.21 21.53
CA MET A 464 3.99 17.96 21.02
C MET A 464 4.59 16.81 21.81
N LEU A 465 5.04 15.78 21.11
CA LEU A 465 5.56 14.57 21.72
C LEU A 465 7.04 14.43 21.40
N HIS A 466 7.76 13.73 22.26
CA HIS A 466 9.12 13.32 21.93
C HIS A 466 9.08 12.07 21.06
N ARG A 467 9.96 12.01 20.06
CA ARG A 467 10.13 10.77 19.30
C ARG A 467 10.78 9.71 20.17
N ILE A 468 10.09 8.60 20.40
CA ILE A 468 10.64 7.52 21.22
C ILE A 468 11.57 6.65 20.39
N ASN A 469 11.07 6.14 19.27
CA ASN A 469 11.86 5.33 18.37
C ASN A 469 11.66 5.83 16.95
N GLY A 470 12.75 5.87 16.21
CA GLY A 470 12.74 6.28 14.82
C GLY A 470 12.73 5.09 13.88
N ALA A 471 13.52 5.19 12.81
CA ALA A 471 13.61 4.24 11.70
C ALA A 471 12.27 4.18 10.97
N PRO A 472 12.19 4.61 9.69
CA PRO A 472 10.88 4.72 9.01
C PRO A 472 10.17 3.40 8.76
N ARG A 473 10.38 2.38 9.61
CA ARG A 473 9.64 1.13 9.53
C ARG A 473 9.13 0.61 10.87
N ALA A 474 9.33 1.36 11.97
CA ALA A 474 8.73 1.03 13.26
C ALA A 474 7.27 1.48 13.29
N GLN A 475 6.78 1.90 14.45
CA GLN A 475 5.40 2.36 14.56
C GLN A 475 5.24 3.25 15.79
N ASP A 476 4.59 4.39 15.61
CA ASP A 476 4.51 5.43 16.64
C ASP A 476 3.44 5.04 17.65
N LYS A 477 3.84 4.19 18.60
CA LYS A 477 2.93 3.79 19.67
C LYS A 477 2.44 5.00 20.46
N LEU A 478 3.38 5.85 20.90
CA LEU A 478 3.01 6.93 21.82
C LEU A 478 1.95 7.86 21.22
N ALA A 479 2.14 8.27 19.96
CA ALA A 479 1.13 9.13 19.34
C ALA A 479 -0.23 8.46 19.26
N ALA A 480 -0.25 7.14 18.99
CA ALA A 480 -1.52 6.44 18.89
C ALA A 480 -2.26 6.45 20.22
N MET A 481 -1.54 6.13 21.31
CA MET A 481 -2.23 6.01 22.59
C MET A 481 -2.77 7.36 23.05
N VAL A 482 -2.05 8.46 22.78
CA VAL A 482 -2.52 9.74 23.28
C VAL A 482 -3.79 10.15 22.57
N CYS A 483 -3.98 9.69 21.34
CA CYS A 483 -5.22 10.03 20.64
C CYS A 483 -6.39 9.19 21.15
N ASN A 484 -6.16 7.88 21.34
CA ASN A 484 -7.21 7.02 21.87
C ASN A 484 -7.63 7.47 23.26
N GLU A 485 -6.66 7.62 24.17
CA GLU A 485 -7.03 7.91 25.54
C GLU A 485 -7.60 9.32 25.68
N PHE A 486 -6.98 10.32 25.03
CA PHE A 486 -7.52 11.67 25.15
C PHE A 486 -8.92 11.79 24.56
N GLU A 487 -9.29 10.92 23.62
CA GLU A 487 -10.61 10.96 23.04
C GLU A 487 -11.61 10.09 23.82
N LYS A 488 -11.15 8.96 24.32
CA LYS A 488 -12.04 8.07 25.06
C LYS A 488 -12.32 8.59 26.47
N ARG A 489 -11.28 8.70 27.30
CA ARG A 489 -11.44 9.12 28.70
C ARG A 489 -11.85 10.58 28.85
N PHE A 490 -11.46 11.45 27.93
CA PHE A 490 -11.85 12.85 27.94
C PHE A 490 -12.37 13.14 26.54
N GLY A 491 -12.96 14.30 26.33
CA GLY A 491 -13.68 14.36 25.07
C GLY A 491 -12.88 14.93 23.93
N LYS A 492 -11.56 14.74 23.93
CA LYS A 492 -10.68 15.63 23.19
C LYS A 492 -10.44 15.15 21.77
N ARG A 493 -10.33 16.11 20.85
CA ARG A 493 -9.80 15.88 19.52
C ARG A 493 -8.35 16.34 19.51
N VAL A 494 -7.42 15.43 19.21
CA VAL A 494 -5.99 15.68 19.39
C VAL A 494 -5.27 15.55 18.05
N GLN A 495 -4.44 16.54 17.74
CA GLN A 495 -3.42 16.49 16.70
C GLN A 495 -2.03 16.45 17.35
N VAL A 496 -1.02 16.04 16.57
CA VAL A 496 0.29 15.69 17.11
C VAL A 496 1.39 16.23 16.20
N ILE A 497 2.41 16.84 16.82
CA ILE A 497 3.68 17.12 16.18
C ILE A 497 4.76 16.54 17.06
N HIS A 498 5.99 16.56 16.57
CA HIS A 498 7.09 16.03 17.37
C HIS A 498 8.08 17.14 17.73
N SER A 499 8.86 16.90 18.77
CA SER A 499 9.75 17.93 19.30
C SER A 499 11.04 18.08 18.51
N ASP A 500 11.46 17.06 17.76
CA ASP A 500 12.78 17.10 17.14
C ASP A 500 12.83 18.02 15.93
N SER A 501 11.96 17.83 14.96
CA SER A 501 11.99 18.71 13.78
C SER A 501 11.98 20.20 14.12
N PRO A 502 11.05 20.73 14.94
CA PRO A 502 11.09 22.16 15.20
C PRO A 502 12.23 22.60 16.10
N GLY A 503 12.65 21.77 17.06
CA GLY A 503 13.86 22.07 17.80
C GLY A 503 15.04 22.46 16.91
N ARG A 504 15.25 21.71 15.83
CA ARG A 504 16.35 21.98 14.91
C ARG A 504 16.25 23.33 14.20
N GLY A 505 15.13 24.04 14.40
CA GLY A 505 14.92 25.33 13.77
C GLY A 505 15.18 26.52 14.64
N TYR A 506 15.63 26.28 15.88
CA TYR A 506 15.90 27.34 16.84
C TYR A 506 17.31 27.23 17.40
N LYS A 507 18.01 28.37 17.49
CA LYS A 507 19.30 28.44 18.15
C LYS A 507 19.27 29.56 19.17
N ARG A 508 20.10 29.42 20.19
CA ARG A 508 20.10 30.35 21.31
C ARG A 508 21.07 31.47 21.01
N ILE A 509 20.60 32.71 21.13
CA ILE A 509 21.37 33.89 20.81
C ILE A 509 21.29 34.81 22.01
N PHE A 510 22.34 35.59 22.22
CA PHE A 510 22.36 36.56 23.30
C PHE A 510 21.99 37.92 22.74
N LYS A 511 20.88 38.47 23.22
CA LYS A 511 20.38 39.75 22.72
C LYS A 511 19.91 40.57 23.91
N ASN A 512 20.26 41.86 23.90
CA ASN A 512 19.94 42.77 25.00
C ASN A 512 20.39 42.20 26.34
N ASP A 513 21.60 41.62 26.38
CA ASP A 513 22.16 41.02 27.58
C ASP A 513 21.21 39.98 28.20
N LYS A 514 20.64 39.13 27.34
CA LYS A 514 19.66 38.15 27.78
C LYS A 514 19.67 37.01 26.77
N PRO A 515 19.58 35.77 27.21
CA PRO A 515 19.45 34.67 26.25
C PRO A 515 18.03 34.60 25.71
N THR A 516 17.94 34.43 24.39
CA THR A 516 16.67 34.18 23.73
C THR A 516 16.90 33.22 22.57
N TYR A 517 15.84 32.57 22.14
CA TYR A 517 15.88 31.71 20.97
C TYR A 517 15.33 32.42 19.74
N VAL A 518 16.00 32.17 18.61
CA VAL A 518 15.62 32.70 17.32
C VAL A 518 15.79 31.58 16.30
N GLN A 519 15.32 31.82 15.08
CA GLN A 519 15.39 30.81 14.05
C GLN A 519 16.79 30.68 13.50
N GLN A 520 17.07 29.53 12.91
CA GLN A 520 18.25 29.34 12.09
C GLN A 520 17.90 28.53 10.85
N ARG A 521 18.63 28.76 9.77
CA ARG A 521 18.47 28.00 8.53
C ARG A 521 19.76 27.29 8.19
N GLY A 522 20.43 26.75 9.22
CA GLY A 522 21.56 25.90 9.00
C GLY A 522 21.15 24.65 8.24
N ARG A 523 21.10 23.50 8.92
CA ARG A 523 20.56 22.28 8.34
C ARG A 523 19.84 21.47 9.42
N GLY A 524 18.78 20.76 9.02
CA GLY A 524 17.98 19.99 9.94
C GLY A 524 16.48 20.11 9.70
N VAL A 525 16.07 21.23 9.10
CA VAL A 525 14.67 21.55 8.82
C VAL A 525 14.63 22.92 8.14
N ASN A 526 13.71 23.11 7.20
CA ASN A 526 13.40 24.47 6.74
C ASN A 526 12.28 24.96 7.65
N ILE A 527 12.65 25.70 8.67
CA ILE A 527 11.72 25.93 9.77
C ILE A 527 10.50 26.73 9.30
N LYS A 528 10.69 27.67 8.39
CA LYS A 528 9.55 28.45 7.91
C LYS A 528 8.57 27.55 7.18
N GLY A 529 9.09 26.72 6.26
CA GLY A 529 8.30 25.65 5.66
C GLY A 529 7.68 24.68 6.65
N TYR A 530 8.38 24.35 7.73
CA TYR A 530 7.79 23.46 8.70
C TYR A 530 6.58 24.09 9.38
N LEU A 531 6.67 25.38 9.72
CA LEU A 531 5.55 26.02 10.42
C LEU A 531 4.32 26.14 9.53
N LYS A 532 4.51 26.52 8.27
CA LYS A 532 3.39 26.65 7.33
C LYS A 532 2.68 25.31 7.14
N GLY A 533 3.43 24.25 6.83
CA GLY A 533 2.82 22.93 6.68
C GLY A 533 2.15 22.43 7.93
N ALA A 534 2.70 22.72 9.10
CA ALA A 534 2.08 22.24 10.32
C ALA A 534 0.87 23.07 10.70
N ALA A 535 0.90 24.36 10.40
CA ALA A 535 -0.27 25.19 10.62
C ALA A 535 -1.45 24.70 9.78
N LEU A 536 -1.19 24.44 8.48
CA LEU A 536 -2.22 23.91 7.61
C LEU A 536 -2.68 22.53 8.07
N ASN A 537 -1.77 21.58 8.22
CA ASN A 537 -2.25 20.23 8.41
C ASN A 537 -2.75 20.01 9.84
N LYS A 538 -2.09 20.61 10.83
CA LYS A 538 -2.42 20.27 12.21
C LYS A 538 -3.55 21.13 12.78
N VAL A 539 -3.63 22.40 12.39
CA VAL A 539 -4.57 23.35 13.00
C VAL A 539 -5.78 23.63 12.10
N CYS A 540 -5.56 24.04 10.84
CA CYS A 540 -6.69 24.29 9.94
C CYS A 540 -7.43 22.98 9.58
N LEU A 541 -6.73 22.05 8.94
CA LEU A 541 -7.36 20.77 8.65
C LEU A 541 -7.71 20.03 9.92
N GLY A 542 -6.95 20.23 11.01
CA GLY A 542 -7.34 19.61 12.28
C GLY A 542 -8.66 20.12 12.82
N ASN A 543 -9.08 21.32 12.41
CA ASN A 543 -10.35 21.90 12.83
C ASN A 543 -11.41 21.82 11.73
N SER A 544 -11.18 21.01 10.70
CA SER A 544 -12.12 20.79 9.59
C SER A 544 -12.40 22.06 8.79
N ARG A 545 -11.38 22.89 8.61
CA ARG A 545 -11.53 24.09 7.80
C ARG A 545 -10.95 23.78 6.44
N TRP A 546 -11.77 23.24 5.56
CA TRP A 546 -11.29 22.87 4.24
C TRP A 546 -10.98 24.12 3.42
N PRO A 547 -9.84 24.16 2.71
CA PRO A 547 -9.51 25.37 1.93
C PRO A 547 -10.18 25.46 0.57
N PHE A 548 -10.62 24.35 0.00
CA PHE A 548 -11.37 24.38 -1.25
C PHE A 548 -12.11 23.04 -1.38
N VAL A 549 -13.14 23.04 -2.22
CA VAL A 549 -14.03 21.89 -2.40
C VAL A 549 -14.45 21.82 -3.86
N LEU A 550 -15.08 20.71 -4.23
CA LEU A 550 -15.49 20.53 -5.62
C LEU A 550 -16.66 21.43 -5.93
N ARG A 551 -16.59 22.14 -7.07
CA ARG A 551 -17.74 22.94 -7.49
C ARG A 551 -18.91 22.08 -7.93
N ASP A 552 -18.64 20.99 -8.64
CA ASP A 552 -19.70 20.26 -9.32
C ASP A 552 -19.81 18.86 -8.73
N PRO A 553 -20.99 18.26 -8.79
CA PRO A 553 -21.17 16.96 -8.14
C PRO A 553 -20.35 15.86 -8.80
N LEU A 554 -19.84 14.96 -7.97
CA LEU A 554 -19.32 13.65 -8.38
C LEU A 554 -20.48 12.76 -8.86
N ASN A 555 -20.12 11.57 -9.37
CA ASN A 555 -21.14 10.59 -9.73
C ASN A 555 -21.78 9.95 -8.51
N ALA A 556 -21.01 9.79 -7.44
CA ALA A 556 -21.58 9.29 -6.19
C ALA A 556 -22.01 10.48 -5.35
N ASP A 557 -23.15 10.34 -4.69
CA ASP A 557 -23.58 11.41 -3.79
C ASP A 557 -22.79 11.36 -2.49
N VAL A 558 -22.51 10.17 -2.03
CA VAL A 558 -21.71 9.95 -0.84
C VAL A 558 -20.70 8.88 -1.19
N THR A 559 -19.49 9.01 -0.69
CA THR A 559 -18.50 7.98 -0.93
C THR A 559 -17.73 7.78 0.36
N ILE A 560 -17.46 6.53 0.68
CA ILE A 560 -17.02 6.12 2.01
C ILE A 560 -15.75 5.28 1.91
N GLY A 561 -14.70 5.69 2.60
CA GLY A 561 -13.47 4.93 2.68
C GLY A 561 -13.38 4.13 3.97
N ILE A 562 -12.79 2.93 3.87
CA ILE A 562 -12.67 1.98 4.97
C ILE A 562 -11.30 1.32 4.93
N ASP A 563 -10.52 1.45 5.99
CA ASP A 563 -9.29 0.69 6.19
C ASP A 563 -9.28 0.13 7.59
N VAL A 564 -8.59 -1.01 7.77
CA VAL A 564 -8.50 -1.72 9.05
C VAL A 564 -7.08 -2.26 9.18
N LYS A 565 -6.39 -1.89 10.24
CA LYS A 565 -5.14 -2.57 10.56
C LYS A 565 -4.78 -2.34 12.01
N ASN A 566 -4.33 -3.43 12.67
CA ASN A 566 -3.94 -3.45 14.09
C ASN A 566 -5.16 -3.41 15.00
N ASN A 567 -6.23 -4.09 14.59
CA ASN A 567 -7.49 -4.11 15.35
C ASN A 567 -8.01 -2.69 15.57
N MET A 568 -7.88 -1.86 14.53
CA MET A 568 -8.43 -0.51 14.52
C MET A 568 -9.00 -0.25 13.13
N ALA A 569 -10.30 -0.06 13.02
CA ALA A 569 -10.95 0.30 11.78
C ALA A 569 -11.12 1.81 11.69
N VAL A 570 -11.09 2.33 10.47
CA VAL A 570 -11.32 3.74 10.19
C VAL A 570 -12.34 3.81 9.08
N PHE A 571 -13.44 4.51 9.34
CA PHE A 571 -14.40 4.86 8.31
C PHE A 571 -14.27 6.34 8.04
N THR A 572 -14.40 6.73 6.77
CA THR A 572 -14.40 8.13 6.39
C THR A 572 -15.52 8.33 5.40
N MET A 573 -16.03 9.55 5.33
CA MET A 573 -17.14 9.87 4.45
C MET A 573 -16.95 11.24 3.82
N VAL A 574 -17.23 11.34 2.52
CA VAL A 574 -17.10 12.59 1.78
C VAL A 574 -18.41 12.80 1.03
N ALA A 575 -19.11 13.87 1.37
CA ALA A 575 -20.38 14.18 0.74
C ALA A 575 -20.38 15.63 0.32
N GLU A 576 -21.42 16.00 -0.42
CA GLU A 576 -21.41 17.26 -1.13
C GLU A 576 -20.03 17.35 -1.76
N GLY A 577 -19.35 18.48 -1.77
CA GLY A 577 -18.16 18.36 -2.63
C GLY A 577 -16.84 18.16 -1.91
N GLY A 578 -16.88 17.40 -0.82
CA GLY A 578 -15.97 17.62 0.28
C GLY A 578 -16.43 18.65 1.28
N ARG A 579 -17.63 19.20 1.13
CA ARG A 579 -18.15 20.14 2.13
C ARG A 579 -18.47 19.43 3.42
N ILE A 580 -18.73 18.14 3.35
CA ILE A 580 -19.01 17.31 4.50
C ILE A 580 -17.96 16.22 4.51
N VAL A 581 -17.15 16.16 5.57
CA VAL A 581 -16.13 15.14 5.76
C VAL A 581 -16.20 14.67 7.21
N ARG A 582 -16.45 13.37 7.42
CA ARG A 582 -16.41 12.78 8.75
C ARG A 582 -15.44 11.63 8.76
N VAL A 583 -14.57 11.59 9.76
CA VAL A 583 -13.61 10.51 9.97
C VAL A 583 -13.88 9.90 11.34
N GLN A 584 -14.17 8.61 11.39
CA GLN A 584 -14.57 7.93 12.62
C GLN A 584 -13.77 6.64 12.78
N ARG A 585 -13.04 6.54 13.89
CA ARG A 585 -12.34 5.31 14.28
C ARG A 585 -13.28 4.37 15.04
N SER A 586 -12.83 3.12 15.20
CA SER A 586 -13.59 2.09 15.91
C SER A 586 -12.76 0.81 16.03
N ARG A 587 -12.70 0.21 17.22
CA ARG A 587 -11.95 -1.03 17.42
C ARG A 587 -12.64 -2.21 16.74
N SER A 588 -11.87 -3.22 16.38
CA SER A 588 -12.42 -4.36 15.66
C SER A 588 -11.88 -5.66 16.27
N ARG A 589 -12.62 -6.74 16.00
CA ARG A 589 -12.20 -8.08 16.40
C ARG A 589 -10.93 -8.50 15.66
N GLN A 590 -11.01 -8.69 14.35
CA GLN A 590 -9.82 -9.08 13.60
C GLN A 590 -8.84 -7.91 13.47
N ARG A 591 -7.61 -8.26 13.10
CA ARG A 591 -6.55 -7.28 12.97
C ARG A 591 -6.75 -6.40 11.74
N GLU A 592 -7.22 -6.98 10.63
CA GLU A 592 -7.29 -6.29 9.35
C GLU A 592 -8.66 -6.43 8.69
N GLN A 593 -9.70 -6.75 9.46
CA GLN A 593 -10.94 -7.14 8.83
C GLN A 593 -12.11 -6.83 9.77
N LEU A 594 -13.30 -6.71 9.20
CA LEU A 594 -14.44 -6.18 9.91
C LEU A 594 -15.61 -7.17 9.91
N LEU A 595 -16.23 -7.29 11.07
CA LEU A 595 -17.40 -8.12 11.24
C LEU A 595 -18.60 -7.52 10.51
N GLU A 596 -19.43 -8.37 9.95
CA GLU A 596 -20.57 -7.92 9.15
C GLU A 596 -21.41 -6.87 9.89
N SER A 597 -21.51 -6.98 11.21
CA SER A 597 -22.39 -6.09 11.96
C SER A 597 -21.75 -4.73 12.21
N GLN A 598 -20.44 -4.73 12.50
CA GLN A 598 -19.72 -3.49 12.78
C GLN A 598 -19.76 -2.54 11.58
N VAL A 599 -19.91 -3.07 10.37
CA VAL A 599 -20.02 -2.24 9.18
C VAL A 599 -21.39 -1.56 9.12
N THR A 600 -22.45 -2.35 9.31
CA THR A 600 -23.80 -1.78 9.29
C THR A 600 -23.99 -0.78 10.41
N GLN A 601 -23.31 -0.97 11.54
CA GLN A 601 -23.48 -0.06 12.65
C GLN A 601 -22.84 1.29 12.32
N VAL A 602 -21.51 1.30 12.20
CA VAL A 602 -20.76 2.55 12.04
C VAL A 602 -21.28 3.39 10.89
N ILE A 603 -21.73 2.77 9.80
CA ILE A 603 -22.10 3.54 8.62
C ILE A 603 -23.48 4.16 8.78
N THR A 604 -24.45 3.39 9.26
CA THR A 604 -25.76 3.98 9.53
C THR A 604 -25.64 5.15 10.50
N GLU A 605 -24.78 5.02 11.51
CA GLU A 605 -24.64 6.09 12.48
C GLU A 605 -24.00 7.34 11.87
N MET A 606 -22.95 7.17 11.08
CA MET A 606 -22.30 8.33 10.49
C MET A 606 -23.22 9.02 9.50
N LEU A 607 -23.82 8.23 8.60
CA LEU A 607 -24.55 8.87 7.51
C LEU A 607 -25.82 9.53 8.01
N SER A 608 -26.45 8.96 9.05
CA SER A 608 -27.68 9.52 9.57
C SER A 608 -27.46 10.90 10.19
N LYS A 609 -26.34 11.07 10.89
CA LYS A 609 -26.02 12.38 11.42
C LYS A 609 -25.94 13.43 10.32
N GLU A 610 -25.40 13.08 9.15
CA GLU A 610 -25.18 14.07 8.10
C GLU A 610 -26.32 14.22 7.13
N LEU A 611 -27.20 13.23 7.02
CA LEU A 611 -28.27 13.32 6.03
C LEU A 611 -29.09 14.60 6.10
N PRO A 612 -29.39 15.17 7.27
CA PRO A 612 -30.07 16.48 7.28
C PRO A 612 -29.32 17.56 6.56
N GLU A 613 -28.00 17.46 6.46
CA GLU A 613 -27.16 18.48 5.84
C GLU A 613 -26.96 18.26 4.34
N ILE A 614 -27.36 17.12 3.81
CA ILE A 614 -27.22 16.80 2.40
C ILE A 614 -28.55 17.17 1.76
N LYS A 615 -28.58 18.28 1.02
CA LYS A 615 -29.85 18.83 0.57
C LYS A 615 -30.35 18.24 -0.74
N LYS A 616 -29.54 17.48 -1.45
CA LYS A 616 -30.01 16.67 -2.56
C LYS A 616 -30.33 15.29 -2.01
N GLN A 617 -31.39 14.67 -2.50
CA GLN A 617 -31.63 13.33 -2.01
C GLN A 617 -30.51 12.41 -2.48
N VAL A 618 -30.20 11.44 -1.66
CA VAL A 618 -29.09 10.53 -1.92
C VAL A 618 -29.60 9.41 -2.82
N GLN A 619 -28.85 9.11 -3.92
CA GLN A 619 -29.19 7.90 -4.67
C GLN A 619 -28.06 7.15 -5.36
N ARG A 620 -26.79 7.53 -5.20
CA ARG A 620 -25.66 6.70 -5.64
C ARG A 620 -24.59 6.71 -4.56
N VAL A 621 -24.25 5.53 -4.04
CA VAL A 621 -23.26 5.42 -2.97
C VAL A 621 -22.11 4.54 -3.41
N VAL A 622 -20.89 4.90 -2.99
CA VAL A 622 -19.67 4.21 -3.34
C VAL A 622 -18.85 3.99 -2.07
N ILE A 623 -18.33 2.79 -1.90
CA ILE A 623 -17.40 2.48 -0.81
C ILE A 623 -16.03 2.25 -1.43
N HIS A 624 -14.98 2.79 -0.81
CA HIS A 624 -13.60 2.58 -1.24
C HIS A 624 -12.90 1.79 -0.15
N ARG A 625 -12.56 0.53 -0.42
CA ARG A 625 -11.77 -0.25 0.54
C ARG A 625 -10.29 -0.08 0.27
N ASP A 626 -9.52 0.11 1.34
CA ASP A 626 -8.06 0.11 1.24
C ASP A 626 -7.59 -1.35 1.41
N GLY A 627 -7.33 -2.00 0.28
CA GLY A 627 -6.96 -3.40 0.29
C GLY A 627 -8.05 -4.25 -0.33
N ARG A 628 -8.05 -5.54 0.04
CA ARG A 628 -9.12 -6.43 -0.36
C ARG A 628 -10.38 -6.12 0.44
N ALA A 629 -11.53 -6.31 -0.22
CA ALA A 629 -12.83 -6.17 0.41
C ALA A 629 -13.39 -7.57 0.68
N TRP A 630 -13.51 -7.93 1.96
CA TRP A 630 -14.04 -9.23 2.37
C TRP A 630 -15.58 -9.23 2.29
N PRO A 631 -16.19 -10.36 1.92
CA PRO A 631 -17.65 -10.33 1.68
C PRO A 631 -18.48 -10.12 2.93
N ALA A 632 -17.90 -10.31 4.13
CA ALA A 632 -18.61 -9.91 5.34
C ALA A 632 -18.75 -8.39 5.39
N GLU A 633 -17.80 -7.69 4.79
CA GLU A 633 -17.87 -6.23 4.72
C GLU A 633 -18.81 -5.77 3.63
N ILE A 634 -18.86 -6.47 2.49
CA ILE A 634 -19.78 -6.08 1.43
C ILE A 634 -21.23 -6.31 1.86
N ALA A 635 -21.48 -7.37 2.61
CA ALA A 635 -22.83 -7.65 3.09
C ALA A 635 -23.34 -6.50 3.96
N GLY A 636 -22.62 -6.21 5.05
CA GLY A 636 -23.01 -5.12 5.93
C GLY A 636 -23.28 -3.84 5.17
N ALA A 637 -22.56 -3.62 4.07
CA ALA A 637 -22.72 -2.42 3.28
C ALA A 637 -23.98 -2.48 2.41
N ARG A 638 -24.26 -3.62 1.79
CA ARG A 638 -25.52 -3.74 1.06
C ARG A 638 -26.70 -3.61 2.01
N LYS A 639 -26.55 -4.15 3.22
CA LYS A 639 -27.62 -4.10 4.22
C LYS A 639 -27.95 -2.65 4.57
N THR A 640 -26.97 -1.92 5.10
CA THR A 640 -27.14 -0.56 5.56
C THR A 640 -28.00 0.28 4.64
N PHE A 641 -27.74 0.18 3.34
CA PHE A 641 -28.40 1.07 2.40
C PHE A 641 -29.73 0.56 1.92
N ALA A 642 -29.96 -0.76 1.95
CA ALA A 642 -31.31 -1.26 1.68
C ALA A 642 -32.30 -0.72 2.69
N ASP A 643 -31.93 -0.77 3.99
CA ASP A 643 -32.73 -0.19 5.06
C ASP A 643 -33.11 1.26 4.76
N MET A 644 -32.10 2.11 4.56
CA MET A 644 -32.35 3.55 4.42
C MET A 644 -33.18 3.88 3.19
N ALA A 645 -33.25 2.98 2.21
CA ALA A 645 -34.17 3.21 1.10
C ALA A 645 -35.61 2.94 1.52
N GLU A 646 -35.82 2.03 2.48
CA GLU A 646 -37.17 1.79 2.98
C GLU A 646 -37.62 2.91 3.93
N SER A 647 -36.75 3.30 4.87
CA SER A 647 -37.08 4.34 5.82
C SER A 647 -37.27 5.72 5.19
N GLY A 648 -36.97 5.87 3.90
CA GLY A 648 -37.08 7.16 3.25
C GLY A 648 -35.94 8.13 3.52
N LEU A 649 -34.89 7.70 4.24
CA LEU A 649 -33.75 8.57 4.47
C LEU A 649 -33.08 8.97 3.16
N ILE A 650 -33.01 8.03 2.21
CA ILE A 650 -32.43 8.28 0.89
C ILE A 650 -33.50 7.97 -0.15
N ALA A 651 -33.15 8.00 -1.42
CA ALA A 651 -34.10 7.62 -2.46
C ALA A 651 -34.45 6.13 -2.34
N VAL A 652 -35.67 5.79 -2.76
CA VAL A 652 -36.10 4.41 -2.64
C VAL A 652 -35.36 3.51 -3.63
N ASP A 653 -35.10 4.02 -4.84
CA ASP A 653 -34.40 3.28 -5.89
C ASP A 653 -32.88 3.46 -5.84
N ALA A 654 -32.34 4.02 -4.76
CA ALA A 654 -30.91 4.23 -4.60
C ALA A 654 -30.14 2.91 -4.71
N ASP A 655 -28.82 3.02 -4.90
CA ASP A 655 -27.97 1.85 -5.14
C ASP A 655 -26.56 2.07 -4.54
N VAL A 656 -25.87 0.96 -4.26
CA VAL A 656 -24.51 0.97 -3.72
C VAL A 656 -23.56 0.28 -4.68
N SER A 657 -22.27 0.64 -4.61
CA SER A 657 -21.19 -0.11 -5.27
C SER A 657 -19.94 -0.08 -4.41
N VAL A 658 -19.20 -1.19 -4.39
CA VAL A 658 -17.96 -1.31 -3.61
C VAL A 658 -16.77 -1.48 -4.55
N PHE A 659 -15.69 -0.79 -4.25
CA PHE A 659 -14.48 -0.81 -5.06
C PHE A 659 -13.27 -0.98 -4.18
N GLU A 660 -12.34 -1.81 -4.60
CA GLU A 660 -11.10 -1.92 -3.86
C GLU A 660 -10.10 -0.94 -4.45
N VAL A 661 -9.39 -0.24 -3.60
CA VAL A 661 -8.30 0.61 -4.02
C VAL A 661 -7.03 -0.12 -3.60
N LEU A 662 -6.25 -0.53 -4.59
CA LEU A 662 -5.14 -1.44 -4.40
C LEU A 662 -3.89 -0.60 -4.54
N LYS A 663 -3.58 0.13 -3.46
CA LYS A 663 -2.44 1.05 -3.53
C LYS A 663 -1.15 0.30 -3.77
N SER A 664 -1.04 -0.93 -3.27
CA SER A 664 0.03 -1.84 -3.68
C SER A 664 -0.62 -2.88 -4.58
N SER A 665 -0.40 -2.75 -5.89
CA SER A 665 -1.18 -3.54 -6.84
C SER A 665 -0.62 -4.95 -6.99
N PRO A 666 -1.47 -5.96 -7.15
CA PRO A 666 -0.98 -7.32 -7.44
C PRO A 666 -0.62 -7.50 -8.91
N ALA A 667 -1.04 -6.58 -9.77
CA ALA A 667 -0.70 -6.58 -11.20
C ALA A 667 -0.25 -5.18 -11.58
N PRO A 668 0.95 -4.78 -11.16
CA PRO A 668 1.39 -3.40 -11.37
C PRO A 668 1.53 -3.09 -12.84
N LEU A 669 0.78 -2.10 -13.32
CA LEU A 669 0.77 -1.71 -14.71
C LEU A 669 1.26 -0.27 -14.83
N ARG A 670 1.99 0.01 -15.89
CA ARG A 670 2.46 1.37 -16.09
C ARG A 670 1.96 1.91 -17.42
N LEU A 671 2.05 3.23 -17.56
CA LEU A 671 1.58 3.94 -18.74
C LEU A 671 2.66 4.87 -19.23
N PHE A 672 2.82 4.97 -20.55
CA PHE A 672 3.79 5.92 -21.09
C PHE A 672 3.16 6.76 -22.17
N SER A 673 3.62 7.99 -22.25
CA SER A 673 3.33 8.88 -23.36
C SER A 673 4.65 9.26 -24.05
N PHE A 674 4.51 9.84 -25.24
CA PHE A 674 5.68 10.03 -26.08
C PHE A 674 5.86 11.49 -26.46
N GLU A 675 7.00 11.74 -27.07
CA GLU A 675 7.54 13.08 -27.16
C GLU A 675 8.49 13.09 -28.36
N GLU A 676 8.97 14.28 -28.68
CA GLU A 676 10.03 14.40 -29.67
C GLU A 676 11.29 13.76 -29.13
N PRO A 677 11.84 12.73 -29.78
CA PRO A 677 13.15 12.20 -29.39
C PRO A 677 14.16 13.33 -29.30
N THR A 678 15.18 13.15 -28.46
CA THR A 678 15.98 14.32 -28.15
C THR A 678 17.30 13.99 -27.47
N GLN A 679 18.16 13.25 -28.14
CA GLN A 679 19.53 13.05 -27.67
C GLN A 679 19.57 12.45 -26.27
N GLU A 680 19.16 13.23 -25.26
CA GLU A 680 19.02 12.70 -23.93
C GLU A 680 17.88 11.69 -23.81
N ASN A 681 16.89 11.78 -24.69
CA ASN A 681 15.74 10.86 -24.69
C ASN A 681 15.63 10.29 -26.10
N PRO A 682 16.52 9.36 -26.45
CA PRO A 682 16.48 8.80 -27.81
C PRO A 682 15.11 8.29 -28.22
N LYS A 683 14.45 7.51 -27.37
CA LYS A 683 13.12 7.04 -27.72
C LYS A 683 12.01 8.02 -27.32
N GLY A 684 12.34 9.13 -26.67
CA GLY A 684 11.35 10.16 -26.34
C GLY A 684 10.21 9.73 -25.44
N VAL A 685 10.50 8.96 -24.40
CA VAL A 685 9.49 8.39 -23.52
C VAL A 685 9.34 9.30 -22.31
N ILE A 686 8.09 9.71 -22.01
CA ILE A 686 7.80 10.60 -20.90
C ILE A 686 6.64 10.05 -20.09
N ASN A 687 6.40 10.69 -18.94
CA ASN A 687 5.28 10.35 -18.09
C ASN A 687 3.95 10.62 -18.79
N PRO A 688 2.92 9.84 -18.50
CA PRO A 688 1.58 10.18 -18.97
C PRO A 688 1.08 11.44 -18.26
N VAL A 689 0.07 12.06 -18.86
CA VAL A 689 -0.45 13.30 -18.29
C VAL A 689 -1.37 12.96 -17.12
N LEU A 690 -1.50 13.95 -16.24
CA LEU A 690 -2.16 13.78 -14.95
C LEU A 690 -3.48 13.05 -15.02
N GLY A 691 -4.32 13.31 -16.00
CA GLY A 691 -5.59 12.59 -15.91
C GLY A 691 -5.77 11.29 -16.67
N SER A 692 -4.68 10.66 -17.15
CA SER A 692 -4.83 9.52 -18.05
C SER A 692 -5.47 8.34 -17.34
N TRP A 693 -6.22 7.54 -18.09
CA TRP A 693 -6.90 6.41 -17.49
C TRP A 693 -7.10 5.28 -18.52
N LEU A 694 -7.34 4.08 -18.00
CA LEU A 694 -7.39 2.85 -18.78
C LEU A 694 -8.27 1.83 -18.10
N LYS A 695 -9.14 1.21 -18.85
CA LYS A 695 -10.04 0.18 -18.37
C LYS A 695 -9.66 -1.12 -19.05
N LEU A 696 -9.29 -2.12 -18.26
CA LEU A 696 -8.95 -3.45 -18.77
C LEU A 696 -10.12 -4.42 -18.77
N SER A 697 -11.26 -4.03 -18.20
CA SER A 697 -12.32 -4.97 -17.86
C SER A 697 -13.52 -4.18 -17.36
N GLU A 698 -14.60 -4.89 -17.04
CA GLU A 698 -15.67 -4.22 -16.31
C GLU A 698 -15.37 -4.13 -14.83
N ASN A 699 -14.30 -4.76 -14.38
CA ASN A 699 -13.97 -4.89 -12.97
C ASN A 699 -12.55 -4.42 -12.65
N ASP A 700 -11.84 -3.89 -13.62
CA ASP A 700 -10.48 -3.46 -13.33
C ASP A 700 -10.16 -2.25 -14.18
N GLY A 701 -9.54 -1.26 -13.53
CA GLY A 701 -9.20 -0.02 -14.19
C GLY A 701 -8.02 0.60 -13.50
N TYR A 702 -7.51 1.63 -14.13
CA TYR A 702 -6.30 2.30 -13.67
C TYR A 702 -6.46 3.79 -13.96
N ILE A 703 -6.00 4.62 -13.03
CA ILE A 703 -6.16 6.07 -13.15
C ILE A 703 -4.87 6.71 -12.65
N CYS A 704 -4.41 7.72 -13.37
CA CYS A 704 -3.16 8.38 -13.03
C CYS A 704 -3.48 9.52 -12.08
N THR A 705 -3.55 9.22 -10.78
CA THR A 705 -3.70 10.33 -9.86
C THR A 705 -2.41 11.14 -9.70
N THR A 706 -1.30 10.67 -10.26
CA THR A 706 -0.05 11.42 -10.34
C THR A 706 0.45 11.36 -11.78
N GLY A 707 1.21 12.36 -12.21
CA GLY A 707 1.52 12.38 -13.62
C GLY A 707 2.22 13.64 -14.06
N ALA A 708 2.16 13.87 -15.36
CA ALA A 708 3.21 14.50 -16.15
C ALA A 708 3.66 15.84 -15.61
N PRO A 709 2.83 16.89 -15.59
CA PRO A 709 3.37 18.20 -15.24
C PRO A 709 3.87 18.28 -13.81
N LEU A 710 3.35 17.43 -12.91
CA LEU A 710 3.55 17.63 -11.48
C LEU A 710 4.52 16.66 -10.82
N LEU A 711 4.99 15.64 -11.54
CA LEU A 711 6.01 14.71 -11.03
C LEU A 711 7.39 15.30 -11.21
N LEU A 712 8.20 15.29 -10.15
CA LEU A 712 9.54 15.86 -10.26
C LEU A 712 10.58 14.83 -10.65
N GLN A 713 10.35 13.55 -10.35
CA GLN A 713 11.29 12.51 -10.72
C GLN A 713 10.57 11.17 -10.67
N GLY A 714 11.09 10.23 -11.44
CA GLY A 714 10.52 8.89 -11.46
C GLY A 714 9.48 8.76 -12.54
N THR A 715 8.80 7.61 -12.54
CA THR A 715 7.71 7.41 -13.47
C THR A 715 6.42 7.21 -12.68
N ALA A 716 5.33 7.77 -13.19
CA ALA A 716 4.07 7.73 -12.46
C ALA A 716 3.66 6.28 -12.21
N ASP A 717 3.08 6.03 -11.03
CA ASP A 717 2.54 4.72 -10.65
C ASP A 717 1.01 4.77 -10.71
N PRO A 718 0.40 4.38 -11.83
CA PRO A 718 -1.07 4.44 -11.94
C PRO A 718 -1.74 3.69 -10.83
N LEU A 719 -2.93 4.16 -10.44
CA LEU A 719 -3.64 3.60 -9.30
C LEU A 719 -4.63 2.54 -9.77
N HIS A 720 -4.54 1.34 -9.19
CA HIS A 720 -5.36 0.20 -9.56
C HIS A 720 -6.62 0.18 -8.69
N VAL A 721 -7.80 0.31 -9.31
CA VAL A 721 -9.05 0.17 -8.58
C VAL A 721 -9.85 -0.92 -9.25
N ARG A 722 -10.42 -1.80 -8.42
CA ARG A 722 -11.10 -3.02 -8.85
C ARG A 722 -12.52 -3.00 -8.30
N LYS A 723 -13.52 -3.20 -9.17
CA LYS A 723 -14.89 -3.30 -8.68
C LYS A 723 -15.10 -4.61 -7.95
N ALA A 724 -15.79 -4.54 -6.81
CA ALA A 724 -16.20 -5.73 -6.10
C ALA A 724 -17.71 -5.96 -6.14
N PHE A 725 -18.53 -4.92 -6.36
CA PHE A 725 -19.98 -5.03 -6.50
C PHE A 725 -20.56 -3.74 -7.03
N GLY A 726 -21.66 -3.84 -7.80
CA GLY A 726 -22.59 -2.74 -7.95
C GLY A 726 -22.85 -2.25 -9.37
N PRO A 727 -23.92 -1.47 -9.53
CA PRO A 727 -24.26 -0.93 -10.86
C PRO A 727 -23.35 0.20 -11.36
N MET A 728 -22.32 0.61 -10.63
CA MET A 728 -21.54 1.77 -11.05
C MET A 728 -20.49 1.34 -12.08
N ALA A 729 -20.49 1.98 -13.24
CA ALA A 729 -19.48 1.67 -14.26
C ALA A 729 -18.08 2.03 -13.77
N ILE A 730 -17.10 1.16 -14.01
CA ILE A 730 -15.76 1.41 -13.47
C ILE A 730 -15.17 2.70 -14.03
N GLU A 731 -15.56 3.08 -15.24
CA GLU A 731 -15.17 4.37 -15.76
C GLU A 731 -15.65 5.50 -14.86
N ASP A 732 -16.91 5.43 -14.42
CA ASP A 732 -17.45 6.45 -13.52
C ASP A 732 -16.67 6.47 -12.20
N ALA A 733 -16.42 5.28 -11.63
CA ALA A 733 -15.60 5.23 -10.43
C ALA A 733 -14.22 5.86 -10.65
N LEU A 734 -13.54 5.49 -11.73
CA LEU A 734 -12.24 6.08 -11.99
C LEU A 734 -12.30 7.60 -12.05
N LYS A 735 -13.36 8.16 -12.67
CA LYS A 735 -13.45 9.61 -12.78
C LYS A 735 -13.51 10.29 -11.42
N ASP A 736 -14.26 9.76 -10.45
CA ASP A 736 -14.24 10.54 -9.23
C ASP A 736 -13.15 10.16 -8.27
N VAL A 737 -12.59 8.95 -8.36
CA VAL A 737 -11.29 8.76 -7.72
C VAL A 737 -10.36 9.89 -8.14
N PHE A 738 -10.34 10.21 -9.44
CA PHE A 738 -9.45 11.26 -9.90
C PHE A 738 -9.87 12.62 -9.35
N ASP A 739 -11.16 12.96 -9.47
CA ASP A 739 -11.65 14.23 -8.90
C ASP A 739 -11.38 14.30 -7.40
N LEU A 740 -11.57 13.20 -6.69
CA LEU A 740 -11.30 13.21 -5.26
C LEU A 740 -9.82 13.37 -4.93
N SER A 741 -8.91 13.14 -5.85
CA SER A 741 -7.51 13.29 -5.56
C SER A 741 -6.97 14.65 -5.94
N CYS A 742 -7.77 15.44 -6.63
CA CYS A 742 -7.39 16.83 -6.79
C CYS A 742 -7.76 17.67 -5.58
N LEU A 743 -8.35 17.09 -4.54
CA LEU A 743 -8.47 17.84 -3.29
C LEU A 743 -7.17 17.67 -2.52
N THR A 744 -6.12 18.32 -3.03
CA THR A 744 -4.77 18.17 -2.50
C THR A 744 -4.57 18.95 -1.18
N TRP A 745 -5.44 18.71 -0.19
CA TRP A 745 -5.43 19.55 1.00
C TRP A 745 -4.15 19.54 1.82
N PRO A 746 -3.36 18.48 1.94
CA PRO A 746 -2.13 18.57 2.75
C PRO A 746 -1.02 19.38 2.11
N LYS A 747 -1.06 19.57 0.79
CA LYS A 747 -0.04 20.28 0.04
C LYS A 747 -0.68 20.72 -1.26
N PRO A 748 -1.39 21.84 -1.26
CA PRO A 748 -2.27 22.16 -2.39
C PRO A 748 -1.59 22.12 -3.75
N ASP A 749 -0.36 22.60 -3.85
CA ASP A 749 0.35 22.65 -5.12
C ASP A 749 1.21 21.39 -5.26
N SER A 750 0.53 20.29 -5.54
CA SER A 750 1.11 18.97 -5.67
C SER A 750 0.04 18.07 -6.26
N CYS A 751 0.46 16.97 -6.85
CA CYS A 751 -0.46 15.87 -7.05
C CYS A 751 -0.38 14.94 -5.85
N MET A 752 -1.36 14.04 -5.75
CA MET A 752 -1.56 13.24 -4.56
C MET A 752 -2.16 11.92 -5.03
N ARG A 753 -1.49 10.79 -4.73
CA ARG A 753 -1.84 9.55 -5.41
C ARG A 753 -3.19 9.01 -4.95
N LEU A 754 -3.50 9.11 -3.69
CA LEU A 754 -4.73 8.48 -3.23
C LEU A 754 -5.93 9.45 -3.27
N PRO A 755 -7.16 8.98 -3.50
CA PRO A 755 -8.30 9.89 -3.38
C PRO A 755 -8.48 10.28 -1.93
N LEU A 756 -9.22 11.38 -1.71
CA LEU A 756 -9.35 11.93 -0.36
C LEU A 756 -9.92 10.91 0.63
N THR A 757 -10.90 10.10 0.19
CA THR A 757 -11.51 9.09 1.06
C THR A 757 -10.49 8.18 1.72
N ILE A 758 -9.63 7.52 0.94
CA ILE A 758 -8.70 6.61 1.63
C ILE A 758 -7.43 7.33 2.04
N LYS A 759 -7.18 8.52 1.50
CA LYS A 759 -6.18 9.40 2.09
C LYS A 759 -6.52 9.78 3.54
N LEU A 760 -7.81 9.89 3.86
CA LEU A 760 -8.19 10.22 5.24
C LEU A 760 -7.96 9.05 6.18
N CYS A 761 -7.97 7.83 5.66
CA CYS A 761 -7.69 6.68 6.50
C CYS A 761 -6.22 6.66 6.92
N ASP A 762 -5.31 7.06 6.02
CA ASP A 762 -3.88 6.92 6.30
C ASP A 762 -3.45 7.77 7.48
N ILE A 763 -3.79 9.05 7.47
CA ILE A 763 -3.36 9.92 8.56
C ILE A 763 -4.09 9.54 9.85
N ALA A 764 -5.37 9.20 9.75
CA ALA A 764 -6.14 8.80 10.94
C ALA A 764 -5.67 7.46 11.49
N LEU A 765 -5.39 6.50 10.61
CA LEU A 765 -5.04 5.15 11.05
C LEU A 765 -3.53 4.95 11.23
N PHE A 766 -2.71 5.96 10.91
CA PHE A 766 -1.35 6.01 11.41
C PHE A 766 -1.35 5.80 12.94
N ASP A 767 -2.48 6.14 13.57
CA ASP A 767 -2.76 5.91 15.00
C ASP A 767 -3.69 4.69 15.13
N ASP A 768 -3.10 3.50 15.26
CA ASP A 768 -3.82 2.24 15.46
C ASP A 768 -3.48 1.64 16.82
N ALA A 769 -4.52 1.32 17.61
CA ALA A 769 -4.40 0.82 19.00
C ALA A 769 -3.19 -0.06 19.25
#